data_6PQI
#
_entry.id   6PQI
#
_cell.length_a   59.732
_cell.length_b   107.005
_cell.length_c   96.196
_cell.angle_alpha   90.000
_cell.angle_beta   104.170
_cell.angle_gamma   90.000
#
_symmetry.space_group_name_H-M   'P 1 21 1'
#
loop_
_entity.id
_entity.type
_entity.pdbx_description
1 polymer 'Class D Carbapenemase OXA-48'
2 non-polymer "CEFOTAXIME, C3' cleaved, open, bound form"
3 non-polymer 'CHLORIDE ION'
4 non-polymer 'ACETATE ION'
5 water water
#
_entity_poly.entity_id   1
_entity_poly.type   'polypeptide(L)'
_entity_poly.pdbx_seq_one_letter_code
;MKHHHHHHMHHHHHHENLYFQGWQENKSWNAHFTEHKSQGVVVLWNENKQQGFTNNLKRANQAFLPASTFKIPNSLIALD
LGVVKDEHQVFKWDGQTRDIATWNRDHNLITAMKYSVVPVYQEFARQIGEARMSKMLHAFDYGNEDISGNVDSFWLDGGI
RISATEQISFLRKLYHNKLHVSERSQRIVKQAMLTEANGDYIIRAKTGYSTRIEPKIGWWVGWVELDDNVWFFAMNMDMP
TSDGLGLRQAITKEVLKQEKIIP
;
_entity_poly.pdbx_strand_id   A,B,C,D
#
loop_
_chem_comp.id
_chem_comp.type
_chem_comp.name
_chem_comp.formula
ACT non-polymer 'ACETATE ION' 'C2 H3 O2 -1'
CEF non-polymer 'CEFOTAXIME, C3' cleaved, open, bound form' 'C14 H15 N5 O5 S2'
CL non-polymer 'CHLORIDE ION' 'Cl -1'
#
# COMPACT_ATOMS: atom_id res chain seq x y z
N ASN A 17 -14.44 -42.75 11.13
CA ASN A 17 -15.06 -43.49 10.04
C ASN A 17 -15.21 -42.62 8.80
N LEU A 18 -14.76 -43.13 7.66
CA LEU A 18 -14.85 -42.41 6.40
C LEU A 18 -16.06 -42.87 5.61
N TYR A 19 -16.79 -41.91 5.05
CA TYR A 19 -17.89 -42.19 4.14
C TYR A 19 -17.52 -41.69 2.74
N PHE A 20 -17.77 -42.53 1.74
CA PHE A 20 -17.29 -42.26 0.39
C PHE A 20 -18.37 -42.64 -0.62
N GLN A 21 -18.92 -41.64 -1.31
CA GLN A 21 -19.76 -41.92 -2.46
C GLN A 21 -18.89 -42.41 -3.61
N GLY A 22 -19.35 -43.46 -4.29
CA GLY A 22 -18.55 -44.09 -5.31
C GLY A 22 -18.19 -43.16 -6.45
N TRP A 23 -17.18 -43.57 -7.22
CA TRP A 23 -16.75 -42.79 -8.38
C TRP A 23 -17.84 -42.80 -9.43
N GLN A 24 -18.31 -41.61 -9.81
CA GLN A 24 -19.31 -41.47 -10.86
C GLN A 24 -18.63 -41.46 -12.22
N GLU A 25 -19.08 -42.32 -13.13
CA GLU A 25 -18.45 -42.48 -14.42
C GLU A 25 -19.14 -41.60 -15.46
N ASN A 26 -18.34 -40.76 -16.12
CA ASN A 26 -18.81 -39.85 -17.18
C ASN A 26 -18.09 -40.24 -18.46
N LYS A 27 -18.71 -41.12 -19.26
CA LYS A 27 -18.10 -41.58 -20.49
C LYS A 27 -18.06 -40.54 -21.58
N SER A 28 -18.71 -39.38 -21.39
CA SER A 28 -18.66 -38.32 -22.39
C SER A 28 -17.25 -37.77 -22.56
N TRP A 29 -16.40 -37.92 -21.55
CA TRP A 29 -15.01 -37.46 -21.67
C TRP A 29 -14.20 -38.31 -22.63
N ASN A 30 -14.67 -39.51 -22.97
CA ASN A 30 -13.96 -40.35 -23.90
C ASN A 30 -13.82 -39.69 -25.27
N ALA A 31 -14.75 -38.79 -25.61
CA ALA A 31 -14.64 -38.05 -26.86
C ALA A 31 -13.35 -37.25 -26.93
N HIS A 32 -12.86 -36.75 -25.79
CA HIS A 32 -11.62 -36.01 -25.78
C HIS A 32 -10.42 -36.91 -26.07
N PHE A 33 -10.46 -38.16 -25.62
CA PHE A 33 -9.42 -39.11 -25.98
C PHE A 33 -9.56 -39.54 -27.43
N THR A 34 -10.80 -39.70 -27.91
CA THR A 34 -11.04 -40.18 -29.26
C THR A 34 -10.64 -39.15 -30.31
N GLU A 35 -10.93 -37.87 -30.05
CA GLU A 35 -10.59 -36.83 -31.01
C GLU A 35 -9.08 -36.79 -31.29
N HIS A 36 -8.26 -37.16 -30.32
CA HIS A 36 -6.81 -37.15 -30.48
C HIS A 36 -6.24 -38.54 -30.72
N LYS A 37 -7.07 -39.51 -31.09
CA LYS A 37 -6.65 -40.87 -31.37
C LYS A 37 -5.86 -41.47 -30.20
N SER A 38 -6.41 -41.30 -29.00
CA SER A 38 -5.73 -41.69 -27.77
C SER A 38 -6.65 -42.53 -26.90
N GLN A 39 -6.05 -43.22 -25.94
CA GLN A 39 -6.78 -44.01 -24.95
C GLN A 39 -6.18 -43.74 -23.58
N GLY A 40 -7.04 -43.45 -22.61
CA GLY A 40 -6.57 -43.18 -21.28
C GLY A 40 -7.72 -42.92 -20.34
N VAL A 41 -7.39 -42.36 -19.17
CA VAL A 41 -8.37 -42.10 -18.12
C VAL A 41 -8.09 -40.72 -17.52
N VAL A 42 -9.17 -40.01 -17.19
CA VAL A 42 -9.09 -38.76 -16.43
C VAL A 42 -9.93 -38.95 -15.17
N VAL A 43 -9.35 -38.64 -14.02
CA VAL A 43 -10.03 -38.74 -12.73
C VAL A 43 -10.04 -37.37 -12.09
N LEU A 44 -11.23 -36.89 -11.74
CA LEU A 44 -11.41 -35.61 -11.06
C LEU A 44 -12.03 -35.85 -9.69
N TRP A 45 -11.69 -34.96 -8.74
CA TRP A 45 -12.24 -35.04 -7.39
C TRP A 45 -12.61 -33.63 -6.94
N ASN A 46 -13.90 -33.41 -6.68
CA ASN A 46 -14.40 -32.15 -6.15
C ASN A 46 -14.20 -32.15 -4.63
N GLU A 47 -13.29 -31.31 -4.14
CA GLU A 47 -12.96 -31.34 -2.71
C GLU A 47 -14.12 -30.82 -1.86
N ASN A 48 -14.79 -29.76 -2.30
CA ASN A 48 -15.90 -29.22 -1.53
C ASN A 48 -17.05 -30.20 -1.44
N LYS A 49 -17.42 -30.81 -2.55
CA LYS A 49 -18.57 -31.72 -2.60
C LYS A 49 -18.20 -33.16 -2.25
N GLN A 50 -16.91 -33.47 -2.13
CA GLN A 50 -16.43 -34.83 -1.86
C GLN A 50 -17.00 -35.83 -2.86
N GLN A 51 -16.91 -35.46 -4.14
CA GLN A 51 -17.42 -36.29 -5.24
C GLN A 51 -16.31 -36.53 -6.25
N GLY A 52 -16.27 -37.74 -6.79
CA GLY A 52 -15.27 -38.11 -7.76
C GLY A 52 -15.90 -38.44 -9.10
N PHE A 53 -15.17 -38.17 -10.17
CA PHE A 53 -15.65 -38.37 -11.53
C PHE A 53 -14.52 -38.96 -12.38
N THR A 54 -14.89 -39.85 -13.30
CA THR A 54 -13.92 -40.46 -14.20
C THR A 54 -14.63 -40.92 -15.46
N ASN A 55 -13.86 -41.09 -16.53
CA ASN A 55 -14.39 -41.62 -17.78
C ASN A 55 -14.22 -43.12 -17.91
N ASN A 56 -13.46 -43.74 -17.01
CA ASN A 56 -13.18 -45.18 -17.10
C ASN A 56 -12.83 -45.65 -15.69
N LEU A 57 -13.85 -46.12 -14.95
CA LEU A 57 -13.64 -46.53 -13.58
C LEU A 57 -12.65 -47.68 -13.48
N LYS A 58 -12.61 -48.56 -14.49
CA LYS A 58 -11.66 -49.66 -14.48
C LYS A 58 -10.23 -49.15 -14.56
N ARG A 59 -9.93 -48.34 -15.57
CA ARG A 59 -8.57 -47.80 -15.72
C ARG A 59 -8.24 -46.82 -14.60
N ALA A 60 -9.25 -46.18 -14.02
CA ALA A 60 -8.99 -45.27 -12.90
C ALA A 60 -8.39 -46.00 -11.72
N ASN A 61 -8.75 -47.26 -11.52
CA ASN A 61 -8.22 -48.07 -10.43
C ASN A 61 -7.06 -48.95 -10.85
N GLN A 62 -6.64 -48.89 -12.11
CA GLN A 62 -5.53 -49.68 -12.59
C GLN A 62 -4.21 -49.03 -12.18
N ALA A 63 -3.30 -49.83 -11.63
CA ALA A 63 -2.05 -49.33 -11.09
C ALA A 63 -0.94 -49.46 -12.12
N PHE A 64 -0.14 -48.40 -12.26
CA PHE A 64 1.00 -48.38 -13.15
C PHE A 64 2.24 -47.93 -12.39
N LEU A 65 3.38 -48.01 -13.06
CA LEU A 65 4.59 -47.41 -12.53
C LEU A 65 4.40 -45.90 -12.44
N PRO A 66 4.73 -45.26 -11.31
CA PRO A 66 4.52 -43.80 -11.21
C PRO A 66 5.46 -42.99 -12.08
N ALA A 67 6.64 -43.53 -12.42
CA ALA A 67 7.65 -42.83 -13.22
C ALA A 67 7.95 -41.49 -12.54
N SER A 68 7.92 -40.37 -13.27
CA SER A 68 8.35 -39.09 -12.71
C SER A 68 7.36 -38.48 -11.73
N THR A 69 6.13 -38.99 -11.64
CA THR A 69 5.24 -38.52 -10.59
C THR A 69 5.75 -38.93 -9.21
N PHE A 70 6.61 -39.94 -9.14
CA PHE A 70 7.26 -40.29 -7.88
C PHE A 70 8.16 -39.17 -7.36
N LYS A 71 8.45 -38.16 -8.18
CA LYS A 71 9.24 -37.03 -7.69
C LYS A 71 8.51 -36.28 -6.58
N ILE A 72 7.20 -36.42 -6.48
CA ILE A 72 6.43 -35.75 -5.42
C ILE A 72 6.74 -36.40 -4.08
N PRO A 73 6.51 -37.72 -3.89
CA PRO A 73 6.88 -38.31 -2.59
C PRO A 73 8.37 -38.37 -2.36
N ASN A 74 9.17 -38.49 -3.43
CA ASN A 74 10.62 -38.50 -3.27
C ASN A 74 11.13 -37.17 -2.76
N SER A 75 10.56 -36.06 -3.25
CA SER A 75 10.95 -34.74 -2.74
C SER A 75 10.59 -34.60 -1.27
N LEU A 76 9.39 -35.04 -0.88
CA LEU A 76 8.95 -34.92 0.50
C LEU A 76 9.88 -35.66 1.45
N ILE A 77 10.31 -36.86 1.07
CA ILE A 77 11.19 -37.64 1.93
C ILE A 77 12.57 -37.02 2.01
N ALA A 78 13.11 -36.59 0.86
CA ALA A 78 14.45 -35.98 0.86
C ALA A 78 14.48 -34.71 1.68
N LEU A 79 13.38 -33.94 1.67
CA LEU A 79 13.33 -32.72 2.46
C LEU A 79 13.18 -33.01 3.95
N ASP A 80 12.31 -33.96 4.30
CA ASP A 80 12.07 -34.28 5.69
C ASP A 80 13.27 -34.93 6.36
N LEU A 81 14.15 -35.59 5.60
CA LEU A 81 15.32 -36.26 6.14
C LEU A 81 16.57 -35.40 6.06
N GLY A 82 16.49 -34.20 5.51
CA GLY A 82 17.64 -33.32 5.42
C GLY A 82 18.54 -33.57 4.23
N VAL A 83 18.18 -34.49 3.33
CA VAL A 83 18.97 -34.69 2.11
C VAL A 83 18.92 -33.42 1.25
N VAL A 84 17.78 -32.74 1.25
CA VAL A 84 17.64 -31.44 0.60
C VAL A 84 17.30 -30.43 1.68
N LYS A 85 18.17 -29.42 1.86
CA LYS A 85 17.96 -28.46 2.92
C LYS A 85 16.82 -27.50 2.60
N ASP A 86 16.77 -26.99 1.37
CA ASP A 86 15.67 -26.12 0.94
C ASP A 86 15.63 -26.14 -0.58
N GLU A 87 14.68 -25.40 -1.14
CA GLU A 87 14.49 -25.33 -2.59
C GLU A 87 15.59 -24.54 -3.29
N HIS A 88 16.52 -23.93 -2.54
CA HIS A 88 17.61 -23.17 -3.14
C HIS A 88 18.90 -23.97 -3.28
N GLN A 89 19.01 -25.11 -2.60
CA GLN A 89 20.23 -25.90 -2.66
C GLN A 89 20.50 -26.37 -4.09
N VAL A 90 21.73 -26.15 -4.55
CA VAL A 90 22.11 -26.45 -5.92
C VAL A 90 22.71 -27.85 -5.97
N PHE A 91 22.22 -28.67 -6.90
CA PHE A 91 22.76 -30.00 -7.14
C PHE A 91 23.56 -29.95 -8.44
N LYS A 92 24.89 -30.03 -8.31
CA LYS A 92 25.76 -29.82 -9.46
C LYS A 92 25.65 -30.99 -10.44
N TRP A 93 25.73 -30.67 -11.72
CA TRP A 93 25.75 -31.69 -12.76
C TRP A 93 26.98 -32.57 -12.61
N ASP A 94 26.77 -33.89 -12.67
CA ASP A 94 27.86 -34.83 -12.45
C ASP A 94 28.85 -34.90 -13.60
N GLY A 95 28.61 -34.18 -14.70
CA GLY A 95 29.48 -34.19 -15.85
C GLY A 95 29.09 -35.18 -16.93
N GLN A 96 28.21 -36.13 -16.62
CA GLN A 96 27.72 -37.10 -17.60
C GLN A 96 26.72 -36.41 -18.52
N THR A 97 27.00 -36.43 -19.82
CA THR A 97 26.07 -35.89 -20.80
C THR A 97 24.99 -36.92 -21.10
N ARG A 98 23.73 -36.50 -20.96
CA ARG A 98 22.59 -37.38 -21.15
C ARG A 98 21.72 -36.87 -22.29
N ASP A 99 20.70 -37.67 -22.63
CA ASP A 99 19.95 -37.43 -23.86
C ASP A 99 19.12 -36.15 -23.81
N ILE A 100 18.58 -35.80 -22.65
CA ILE A 100 17.75 -34.61 -22.51
C ILE A 100 18.64 -33.45 -22.06
N ALA A 101 18.68 -32.38 -22.86
CA ALA A 101 19.69 -31.34 -22.69
C ALA A 101 19.55 -30.62 -21.36
N THR A 102 18.32 -30.36 -20.92
CA THR A 102 18.10 -29.62 -19.68
C THR A 102 18.60 -30.37 -18.45
N TRP A 103 18.92 -31.66 -18.58
CA TRP A 103 19.49 -32.42 -17.47
C TRP A 103 20.98 -32.13 -17.28
N ASN A 104 21.67 -31.66 -18.31
CA ASN A 104 23.11 -31.46 -18.28
C ASN A 104 23.52 -30.13 -17.67
N ARG A 105 22.82 -29.68 -16.64
CA ARG A 105 23.14 -28.43 -15.95
C ARG A 105 22.99 -28.65 -14.45
N ASP A 106 23.34 -27.62 -13.69
CA ASP A 106 23.04 -27.61 -12.27
C ASP A 106 21.55 -27.34 -12.07
N HIS A 107 21.01 -27.85 -10.96
CA HIS A 107 19.59 -27.72 -10.68
C HIS A 107 19.37 -27.53 -9.18
N ASN A 108 18.26 -26.88 -8.86
CA ASN A 108 17.70 -26.89 -7.51
C ASN A 108 16.42 -27.71 -7.53
N LEU A 109 15.74 -27.75 -6.38
CA LEU A 109 14.52 -28.54 -6.29
C LEU A 109 13.45 -28.02 -7.24
N ILE A 110 13.39 -26.70 -7.47
CA ILE A 110 12.38 -26.13 -8.35
C ILE A 110 12.63 -26.54 -9.79
N THR A 111 13.87 -26.38 -10.27
CA THR A 111 14.18 -26.70 -11.66
C THR A 111 14.29 -28.20 -11.91
N ALA A 112 14.71 -28.98 -10.90
CA ALA A 112 14.75 -30.42 -11.05
C ALA A 112 13.35 -30.99 -11.23
N MET A 113 12.34 -30.36 -10.62
CA MET A 113 10.97 -30.77 -10.80
C MET A 113 10.43 -30.31 -12.15
N LYS A 114 10.67 -29.05 -12.50
CA LYS A 114 10.15 -28.50 -13.74
C LYS A 114 10.64 -29.29 -14.96
N TYR A 115 11.93 -29.60 -15.00
CA TYR A 115 12.52 -30.31 -16.12
C TYR A 115 12.62 -31.81 -15.91
N SER A 116 12.13 -32.31 -14.77
CA SER A 116 12.02 -33.75 -14.51
C SER A 116 13.39 -34.42 -14.60
N VAL A 117 14.35 -33.89 -13.85
CA VAL A 117 15.74 -34.34 -13.93
C VAL A 117 15.87 -35.61 -13.10
N VAL A 118 15.78 -36.76 -13.77
CA VAL A 118 15.84 -38.05 -13.08
C VAL A 118 17.13 -38.24 -12.27
N PRO A 119 18.33 -38.02 -12.84
CA PRO A 119 19.55 -38.34 -12.08
C PRO A 119 19.67 -37.59 -10.76
N VAL A 120 19.07 -36.40 -10.65
CA VAL A 120 19.07 -35.69 -9.37
C VAL A 120 18.29 -36.49 -8.33
N TYR A 121 17.16 -37.06 -8.74
CA TYR A 121 16.32 -37.78 -7.78
C TYR A 121 16.81 -39.20 -7.53
N GLN A 122 17.54 -39.79 -8.49
CA GLN A 122 18.20 -41.06 -8.21
C GLN A 122 19.22 -40.92 -7.10
N GLU A 123 19.94 -39.80 -7.09
CA GLU A 123 20.87 -39.52 -5.99
C GLU A 123 20.13 -39.32 -4.68
N PHE A 124 18.96 -38.68 -4.73
CA PHE A 124 18.12 -38.54 -3.55
C PHE A 124 17.79 -39.91 -2.95
N ALA A 125 17.32 -40.83 -3.80
CA ALA A 125 16.91 -42.13 -3.33
C ALA A 125 18.07 -42.92 -2.72
N ARG A 126 19.26 -42.77 -3.31
CA ARG A 126 20.43 -43.45 -2.76
C ARG A 126 20.76 -42.95 -1.37
N GLN A 127 20.68 -41.64 -1.16
CA GLN A 127 20.93 -41.08 0.16
C GLN A 127 19.83 -41.45 1.15
N ILE A 128 18.58 -41.54 0.69
CA ILE A 128 17.48 -41.93 1.57
C ILE A 128 17.67 -43.38 2.03
N GLY A 129 18.00 -44.27 1.09
CA GLY A 129 18.21 -45.66 1.42
C GLY A 129 16.93 -46.48 1.32
N GLU A 130 17.11 -47.80 1.26
CA GLU A 130 15.97 -48.71 1.11
C GLU A 130 15.11 -48.72 2.37
N ALA A 131 15.74 -48.71 3.55
CA ALA A 131 14.99 -48.83 4.79
C ALA A 131 14.07 -47.63 5.02
N ARG A 132 14.60 -46.42 4.82
CA ARG A 132 13.79 -45.23 5.07
C ARG A 132 12.77 -45.01 3.96
N MET A 133 13.14 -45.33 2.71
CA MET A 133 12.20 -45.18 1.61
C MET A 133 11.00 -46.10 1.79
N SER A 134 11.24 -47.34 2.22
CA SER A 134 10.14 -48.27 2.44
C SER A 134 9.25 -47.82 3.58
N LYS A 135 9.85 -47.37 4.69
CA LYS A 135 9.04 -46.94 5.83
C LYS A 135 8.26 -45.68 5.52
N MET A 136 8.82 -44.78 4.71
CA MET A 136 8.13 -43.54 4.39
C MET A 136 6.95 -43.77 3.45
N LEU A 137 7.13 -44.63 2.44
CA LEU A 137 6.03 -44.92 1.52
C LEU A 137 4.89 -45.63 2.24
N HIS A 138 5.20 -46.47 3.23
CA HIS A 138 4.14 -47.10 4.03
C HIS A 138 3.38 -46.05 4.83
N ALA A 139 4.09 -45.08 5.42
CA ALA A 139 3.42 -44.00 6.14
C ALA A 139 2.60 -43.14 5.18
N PHE A 140 3.02 -43.02 3.93
CA PHE A 140 2.29 -42.26 2.94
C PHE A 140 1.08 -43.01 2.38
N ASP A 141 0.98 -44.32 2.62
CA ASP A 141 -0.05 -45.16 2.01
C ASP A 141 0.01 -45.06 0.49
N TYR A 142 1.22 -44.99 -0.03
CA TYR A 142 1.47 -44.67 -1.44
C TYR A 142 1.44 -45.95 -2.26
N GLY A 143 0.39 -46.11 -3.09
CA GLY A 143 0.33 -47.22 -4.01
C GLY A 143 0.38 -48.56 -3.30
N ASN A 144 1.12 -49.49 -3.89
CA ASN A 144 1.32 -50.81 -3.28
C ASN A 144 2.48 -50.82 -2.29
N GLU A 145 3.17 -49.70 -2.13
CA GLU A 145 4.22 -49.54 -1.11
C GLU A 145 5.37 -50.52 -1.31
N ASP A 146 5.64 -50.91 -2.55
CA ASP A 146 6.65 -51.91 -2.88
C ASP A 146 7.82 -51.24 -3.57
N ILE A 147 8.96 -51.18 -2.89
CA ILE A 147 10.17 -50.58 -3.45
C ILE A 147 11.12 -51.63 -4.03
N SER A 148 10.60 -52.81 -4.38
CA SER A 148 11.45 -53.88 -4.88
C SER A 148 12.15 -53.47 -6.17
N GLY A 149 13.42 -53.83 -6.27
CA GLY A 149 14.25 -53.42 -7.39
C GLY A 149 15.43 -52.59 -6.94
N ASN A 150 16.00 -51.80 -7.85
CA ASN A 150 17.08 -50.91 -7.48
C ASN A 150 16.54 -49.74 -6.68
N VAL A 151 17.27 -49.36 -5.62
CA VAL A 151 16.84 -48.27 -4.76
C VAL A 151 16.79 -46.95 -5.52
N ASP A 152 17.60 -46.82 -6.55
CA ASP A 152 17.62 -45.61 -7.34
C ASP A 152 16.91 -45.70 -8.67
N SER A 153 16.05 -46.68 -8.84
CA SER A 153 15.28 -46.81 -10.04
C SER A 153 13.94 -47.54 -9.91
N PHE A 154 13.55 -47.98 -8.74
CA PHE A 154 12.31 -48.74 -8.58
C PHE A 154 11.05 -48.12 -9.14
N TRP A 155 10.91 -46.81 -9.09
CA TRP A 155 9.79 -46.12 -9.62
C TRP A 155 9.87 -46.04 -11.14
N LEU A 156 10.98 -46.45 -11.75
CA LEU A 156 11.12 -46.46 -13.20
C LEU A 156 11.06 -47.85 -13.81
N ASP A 157 11.50 -48.88 -13.07
CA ASP A 157 11.42 -50.25 -13.59
C ASP A 157 11.35 -51.29 -12.48
N GLY A 158 10.93 -50.91 -11.28
CA GLY A 158 10.80 -51.82 -10.16
C GLY A 158 9.38 -52.26 -9.94
N GLY A 159 9.02 -52.46 -8.67
CA GLY A 159 7.75 -53.06 -8.33
C GLY A 159 6.67 -52.10 -7.86
N ILE A 160 6.98 -50.82 -7.70
CA ILE A 160 6.00 -49.87 -7.18
C ILE A 160 4.92 -49.63 -8.23
N ARG A 161 3.66 -49.66 -7.78
CA ARG A 161 2.52 -49.45 -8.65
C ARG A 161 1.53 -48.53 -7.94
N ILE A 162 0.91 -47.63 -8.69
CA ILE A 162 -0.07 -46.71 -8.13
C ILE A 162 -1.12 -46.42 -9.18
N SER A 163 -2.38 -46.35 -8.74
CA SER A 163 -3.50 -46.07 -9.63
C SER A 163 -3.80 -44.57 -9.64
N ALA A 164 -4.62 -44.16 -10.60
CA ALA A 164 -5.02 -42.75 -10.68
C ALA A 164 -5.83 -42.34 -9.45
N THR A 165 -6.66 -43.26 -8.93
CA THR A 165 -7.41 -42.95 -7.71
C THR A 165 -6.50 -42.90 -6.50
N GLU A 166 -5.49 -43.76 -6.45
CA GLU A 166 -4.54 -43.71 -5.34
C GLU A 166 -3.67 -42.46 -5.41
N GLN A 167 -3.40 -41.95 -6.61
CA GLN A 167 -2.67 -40.69 -6.73
C GLN A 167 -3.47 -39.54 -6.13
N ILE A 168 -4.77 -39.50 -6.39
CA ILE A 168 -5.60 -38.43 -5.85
C ILE A 168 -5.67 -38.51 -4.33
N SER A 169 -5.76 -39.74 -3.79
N SER A 169 -5.75 -39.73 -3.79
CA SER A 169 -5.77 -39.90 -2.34
CA SER A 169 -5.78 -39.89 -2.33
C SER A 169 -4.48 -39.38 -1.71
C SER A 169 -4.48 -39.39 -1.71
N PHE A 170 -3.34 -39.64 -2.37
CA PHE A 170 -2.07 -39.13 -1.86
C PHE A 170 -2.00 -37.62 -1.96
N LEU A 171 -2.47 -37.06 -3.08
CA LEU A 171 -2.41 -35.60 -3.28
C LEU A 171 -3.33 -34.86 -2.32
N ARG A 172 -4.48 -35.44 -1.97
CA ARG A 172 -5.38 -34.79 -1.03
C ARG A 172 -4.73 -34.66 0.34
N LYS A 173 -3.98 -35.67 0.76
CA LYS A 173 -3.24 -35.57 2.03
C LYS A 173 -2.17 -34.49 1.93
N LEU A 174 -1.49 -34.39 0.78
CA LEU A 174 -0.45 -33.38 0.61
C LEU A 174 -1.04 -31.99 0.65
N TYR A 175 -2.17 -31.76 -0.03
CA TYR A 175 -2.79 -30.45 -0.03
C TYR A 175 -3.17 -30.01 1.38
N HIS A 176 -3.68 -30.92 2.19
CA HIS A 176 -4.13 -30.61 3.55
C HIS A 176 -3.01 -30.73 4.57
N ASN A 177 -1.76 -30.87 4.13
CA ASN A 177 -0.61 -31.00 5.04
C ASN A 177 -0.81 -32.17 6.01
N LYS A 178 -1.44 -33.24 5.53
CA LYS A 178 -1.80 -34.37 6.36
C LYS A 178 -0.81 -35.53 6.28
N LEU A 179 0.12 -35.50 5.33
CA LEU A 179 1.13 -36.55 5.26
C LEU A 179 2.03 -36.49 6.50
N HIS A 180 2.62 -37.63 6.84
CA HIS A 180 3.40 -37.76 8.07
C HIS A 180 4.85 -37.31 7.83
N VAL A 181 4.97 -36.07 7.33
CA VAL A 181 6.22 -35.34 7.28
C VAL A 181 5.94 -33.93 7.77
N SER A 182 7.00 -33.14 7.90
CA SER A 182 6.84 -31.78 8.41
C SER A 182 5.98 -30.95 7.47
N GLU A 183 5.23 -30.01 8.05
CA GLU A 183 4.45 -29.08 7.24
C GLU A 183 5.36 -28.29 6.30
N ARG A 184 6.57 -27.96 6.76
CA ARG A 184 7.51 -27.22 5.91
C ARG A 184 7.86 -28.01 4.65
N SER A 185 8.14 -29.31 4.81
CA SER A 185 8.45 -30.14 3.65
C SER A 185 7.30 -30.13 2.65
N GLN A 186 6.06 -30.22 3.14
CA GLN A 186 4.91 -30.27 2.25
C GLN A 186 4.67 -28.93 1.56
N ARG A 187 4.93 -27.83 2.28
CA ARG A 187 4.79 -26.51 1.65
C ARG A 187 5.84 -26.33 0.55
N ILE A 188 7.06 -26.79 0.78
CA ILE A 188 8.12 -26.63 -0.22
C ILE A 188 7.81 -27.44 -1.46
N VAL A 189 7.34 -28.69 -1.27
CA VAL A 189 7.01 -29.53 -2.42
C VAL A 189 5.85 -28.94 -3.21
N LYS A 190 4.83 -28.43 -2.51
CA LYS A 190 3.70 -27.81 -3.19
C LYS A 190 4.13 -26.56 -3.95
N GLN A 191 5.14 -25.85 -3.46
CA GLN A 191 5.69 -24.73 -4.23
C GLN A 191 6.41 -25.23 -5.47
N ALA A 192 7.19 -26.29 -5.34
CA ALA A 192 7.91 -26.85 -6.48
C ALA A 192 6.96 -27.45 -7.52
N MET A 193 5.74 -27.84 -7.12
CA MET A 193 4.77 -28.39 -8.04
C MET A 193 4.09 -27.32 -8.89
N LEU A 194 4.30 -26.04 -8.60
CA LEU A 194 3.65 -24.97 -9.32
C LEU A 194 3.93 -25.08 -10.82
N THR A 195 2.85 -25.17 -11.59
CA THR A 195 2.95 -25.35 -13.04
C THR A 195 2.37 -24.18 -13.82
N GLU A 196 1.20 -23.69 -13.42
CA GLU A 196 0.54 -22.60 -14.13
C GLU A 196 -0.32 -21.82 -13.15
N ALA A 197 -0.35 -20.49 -13.31
CA ALA A 197 -1.14 -19.64 -12.45
C ALA A 197 -1.53 -18.38 -13.21
N ASN A 198 -2.80 -18.00 -13.10
CA ASN A 198 -3.29 -16.75 -13.65
C ASN A 198 -4.41 -16.24 -12.75
N GLY A 199 -5.13 -15.22 -13.23
CA GLY A 199 -6.23 -14.67 -12.45
C GLY A 199 -7.42 -15.59 -12.29
N ASP A 200 -7.43 -16.73 -12.95
CA ASP A 200 -8.55 -17.67 -12.91
C ASP A 200 -8.28 -18.91 -12.08
N TYR A 201 -7.06 -19.44 -12.09
CA TYR A 201 -6.79 -20.69 -11.39
C TYR A 201 -5.28 -20.82 -11.14
N ILE A 202 -4.94 -21.77 -10.27
CA ILE A 202 -3.57 -22.20 -10.03
C ILE A 202 -3.52 -23.70 -10.24
N ILE A 203 -2.50 -24.17 -10.97
CA ILE A 203 -2.30 -25.59 -11.20
C ILE A 203 -0.98 -26.00 -10.57
N ARG A 204 -1.04 -26.95 -9.64
CA ARG A 204 0.14 -27.58 -9.06
C ARG A 204 0.09 -29.05 -9.45
N ALA A 205 1.03 -29.47 -10.30
CA ALA A 205 0.97 -30.80 -10.88
C ALA A 205 2.37 -31.31 -11.16
N LYS A 206 2.44 -32.59 -11.55
CA LYS A 206 3.69 -33.22 -11.95
C LYS A 206 3.41 -34.20 -13.08
N THR A 207 4.21 -34.12 -14.14
CA THR A 207 4.09 -35.01 -15.28
C THR A 207 4.86 -36.30 -15.04
N GLY A 208 4.60 -37.29 -15.88
CA GLY A 208 5.29 -38.57 -15.78
C GLY A 208 5.26 -39.29 -17.11
N TYR A 209 6.30 -40.09 -17.35
CA TYR A 209 6.45 -40.81 -18.61
C TYR A 209 7.14 -42.14 -18.32
N SER A 210 6.37 -43.22 -18.37
CA SER A 210 6.88 -44.56 -18.08
C SER A 210 7.15 -45.29 -19.40
N THR A 211 8.42 -45.66 -19.62
CA THR A 211 8.83 -46.33 -20.85
C THR A 211 9.67 -47.58 -20.64
N ARG A 212 10.23 -47.80 -19.45
CA ARG A 212 11.12 -48.94 -19.27
C ARG A 212 10.36 -50.25 -19.24
N ILE A 213 9.08 -50.22 -18.88
CA ILE A 213 8.24 -51.42 -18.82
C ILE A 213 6.93 -51.13 -19.52
N GLU A 214 6.48 -52.09 -20.34
CA GLU A 214 5.17 -51.97 -20.97
C GLU A 214 4.08 -52.07 -19.92
N PRO A 215 2.95 -51.36 -20.11
CA PRO A 215 2.68 -50.47 -21.25
C PRO A 215 3.27 -49.08 -21.06
N LYS A 216 3.69 -48.45 -22.16
CA LYS A 216 4.23 -47.10 -22.08
C LYS A 216 3.07 -46.12 -21.90
N ILE A 217 3.11 -45.35 -20.81
CA ILE A 217 2.05 -44.42 -20.46
C ILE A 217 2.64 -43.08 -20.06
N GLY A 218 1.82 -42.05 -20.16
CA GLY A 218 2.15 -40.73 -19.65
C GLY A 218 1.20 -40.37 -18.52
N TRP A 219 1.72 -39.64 -17.53
CA TRP A 219 0.97 -39.24 -16.36
C TRP A 219 0.77 -37.72 -16.34
N TRP A 220 -0.26 -37.30 -15.61
CA TRP A 220 -0.37 -35.91 -15.15
C TRP A 220 -1.26 -35.91 -13.93
N VAL A 221 -0.69 -35.62 -12.76
CA VAL A 221 -1.42 -35.65 -11.50
C VAL A 221 -1.20 -34.32 -10.80
N GLY A 222 -2.22 -33.86 -10.08
CA GLY A 222 -2.14 -32.59 -9.37
C GLY A 222 -3.51 -32.10 -8.99
N TRP A 223 -3.64 -30.78 -8.85
CA TRP A 223 -4.91 -30.18 -8.52
C TRP A 223 -4.99 -28.77 -9.08
N VAL A 224 -6.23 -28.31 -9.26
CA VAL A 224 -6.52 -26.98 -9.76
C VAL A 224 -7.11 -26.17 -8.61
N GLU A 225 -6.44 -25.08 -8.24
CA GLU A 225 -6.89 -24.24 -7.14
C GLU A 225 -7.75 -23.11 -7.69
N LEU A 226 -8.97 -23.01 -7.19
CA LEU A 226 -9.87 -21.91 -7.49
C LEU A 226 -10.08 -21.07 -6.24
N ASP A 227 -10.80 -19.96 -6.42
CA ASP A 227 -11.10 -19.09 -5.28
C ASP A 227 -11.92 -19.84 -4.22
N ASP A 228 -12.83 -20.70 -4.67
CA ASP A 228 -13.84 -21.28 -3.79
C ASP A 228 -13.71 -22.80 -3.63
N ASN A 229 -12.81 -23.45 -4.37
CA ASN A 229 -12.78 -24.90 -4.40
C ASN A 229 -11.42 -25.36 -4.91
N VAL A 230 -11.16 -26.65 -4.73
CA VAL A 230 -9.97 -27.30 -5.25
C VAL A 230 -10.41 -28.55 -6.00
N TRP A 231 -9.97 -28.69 -7.24
CA TRP A 231 -10.27 -29.85 -8.08
C TRP A 231 -8.99 -30.66 -8.23
N PHE A 232 -8.95 -31.85 -7.63
CA PHE A 232 -7.82 -32.74 -7.80
C PHE A 232 -7.99 -33.55 -9.07
N PHE A 233 -6.89 -33.78 -9.78
CA PHE A 233 -6.95 -34.53 -11.03
C PHE A 233 -5.78 -35.52 -11.09
N ALA A 234 -6.03 -36.64 -11.75
CA ALA A 234 -5.01 -37.64 -12.02
C ALA A 234 -5.37 -38.33 -13.32
N MET A 235 -4.47 -38.28 -14.30
CA MET A 235 -4.72 -38.87 -15.60
C MET A 235 -3.52 -39.69 -16.03
N ASN A 236 -3.80 -40.72 -16.84
CA ASN A 236 -2.76 -41.42 -17.57
C ASN A 236 -3.34 -41.87 -18.90
N MET A 237 -2.46 -42.08 -19.87
CA MET A 237 -2.87 -42.42 -21.22
C MET A 237 -1.79 -43.23 -21.90
N ASP A 238 -2.19 -44.05 -22.87
CA ASP A 238 -1.23 -44.81 -23.66
C ASP A 238 -0.32 -43.86 -24.43
N MET A 239 0.98 -44.13 -24.39
CA MET A 239 1.98 -43.26 -25.01
C MET A 239 3.01 -44.12 -25.73
N PRO A 240 2.68 -44.61 -26.93
CA PRO A 240 3.65 -45.43 -27.68
C PRO A 240 4.83 -44.64 -28.20
N THR A 241 4.69 -43.32 -28.38
CA THR A 241 5.78 -42.47 -28.81
C THR A 241 5.72 -41.17 -28.03
N SER A 242 6.88 -40.50 -27.92
CA SER A 242 6.95 -39.24 -27.20
C SER A 242 6.30 -38.08 -27.96
N ASP A 243 5.73 -38.33 -29.14
CA ASP A 243 5.13 -37.25 -29.92
C ASP A 243 3.88 -36.70 -29.26
N GLY A 244 3.17 -37.51 -28.49
CA GLY A 244 1.92 -37.08 -27.90
C GLY A 244 2.02 -36.74 -26.43
N LEU A 245 3.21 -36.35 -25.97
CA LEU A 245 3.39 -35.99 -24.57
C LEU A 245 2.53 -34.79 -24.19
N GLY A 246 2.40 -33.83 -25.10
CA GLY A 246 1.58 -32.65 -24.83
C GLY A 246 0.10 -32.96 -24.68
N LEU A 247 -0.34 -34.14 -25.11
CA LEU A 247 -1.74 -34.51 -24.96
C LEU A 247 -2.12 -34.79 -23.51
N ARG A 248 -1.13 -35.06 -22.65
CA ARG A 248 -1.43 -35.26 -21.24
C ARG A 248 -2.10 -34.03 -20.63
N GLN A 249 -1.57 -32.84 -20.93
CA GLN A 249 -2.17 -31.61 -20.42
C GLN A 249 -3.33 -31.14 -21.29
N ALA A 250 -3.22 -31.33 -22.61
CA ALA A 250 -4.27 -30.85 -23.51
C ALA A 250 -5.58 -31.58 -23.26
N ILE A 251 -5.54 -32.91 -23.10
CA ILE A 251 -6.76 -33.67 -22.85
C ILE A 251 -7.32 -33.34 -21.47
N THR A 252 -6.44 -33.23 -20.47
CA THR A 252 -6.90 -32.88 -19.12
C THR A 252 -7.57 -31.52 -19.09
N LYS A 253 -6.98 -30.53 -19.79
CA LYS A 253 -7.58 -29.21 -19.82
C LYS A 253 -8.88 -29.19 -20.60
N GLU A 254 -9.01 -30.04 -21.63
CA GLU A 254 -10.26 -30.13 -22.36
C GLU A 254 -11.39 -30.64 -21.46
N VAL A 255 -11.07 -31.60 -20.58
CA VAL A 255 -12.08 -32.08 -19.62
C VAL A 255 -12.40 -31.00 -18.61
N LEU A 256 -11.38 -30.26 -18.14
CA LEU A 256 -11.62 -29.19 -17.18
C LEU A 256 -12.45 -28.07 -17.79
N LYS A 257 -12.21 -27.75 -19.07
CA LYS A 257 -12.99 -26.73 -19.74
C LYS A 257 -14.43 -27.19 -19.97
N GLN A 258 -14.62 -28.47 -20.29
CA GLN A 258 -15.96 -28.99 -20.49
C GLN A 258 -16.76 -28.95 -19.20
N GLU A 259 -16.12 -29.22 -18.07
CA GLU A 259 -16.77 -29.19 -16.77
C GLU A 259 -16.81 -27.80 -16.15
N LYS A 260 -16.41 -26.77 -16.91
CA LYS A 260 -16.45 -25.37 -16.47
C LYS A 260 -15.62 -25.14 -15.20
N ILE A 261 -14.58 -25.94 -15.02
CA ILE A 261 -13.67 -25.72 -13.89
C ILE A 261 -12.68 -24.61 -14.20
N ILE A 262 -12.19 -24.56 -15.44
CA ILE A 262 -11.35 -23.46 -15.90
C ILE A 262 -12.00 -22.85 -17.13
N PRO A 263 -11.79 -21.55 -17.41
CA PRO A 263 -12.41 -20.93 -18.59
C PRO A 263 -11.82 -21.44 -19.91
N TYR B 19 30.40 -5.38 -14.21
CA TYR B 19 30.93 -4.15 -14.75
C TYR B 19 30.49 -2.94 -13.94
N PHE B 20 29.42 -3.09 -13.16
CA PHE B 20 29.00 -2.04 -12.26
C PHE B 20 28.22 -2.63 -11.09
N GLN B 21 28.37 -2.00 -9.93
CA GLN B 21 27.57 -2.27 -8.76
C GLN B 21 26.73 -1.04 -8.43
N GLY B 22 25.64 -1.26 -7.70
CA GLY B 22 24.76 -0.16 -7.34
C GLY B 22 23.63 -0.01 -8.35
N TRP B 23 23.43 1.22 -8.82
CA TRP B 23 22.29 1.56 -9.66
C TRP B 23 22.74 2.15 -10.99
N GLN B 24 21.90 1.98 -11.99
CA GLN B 24 22.07 2.60 -13.30
C GLN B 24 20.75 3.21 -13.73
N GLU B 25 20.80 4.46 -14.18
CA GLU B 25 19.60 5.18 -14.60
C GLU B 25 19.50 5.12 -16.12
N ASN B 26 18.52 4.38 -16.62
CA ASN B 26 18.27 4.26 -18.05
C ASN B 26 17.00 5.04 -18.35
N LYS B 27 17.16 6.28 -18.80
CA LYS B 27 16.03 7.13 -19.14
C LYS B 27 15.29 6.66 -20.38
N SER B 28 15.76 5.59 -21.04
CA SER B 28 15.06 5.08 -22.21
C SER B 28 13.72 4.46 -21.81
N TRP B 29 13.60 3.98 -20.57
CA TRP B 29 12.35 3.36 -20.14
C TRP B 29 11.21 4.35 -20.07
N ASN B 30 11.49 5.66 -20.02
CA ASN B 30 10.43 6.66 -19.96
C ASN B 30 9.58 6.66 -21.23
N ALA B 31 10.09 6.09 -22.33
CA ALA B 31 9.27 5.96 -23.52
C ALA B 31 8.07 5.06 -23.29
N HIS B 32 8.21 4.06 -22.40
CA HIS B 32 7.07 3.21 -22.06
C HIS B 32 6.00 3.97 -21.28
N PHE B 33 6.41 5.01 -20.54
CA PHE B 33 5.44 5.84 -19.84
C PHE B 33 4.83 6.88 -20.75
N THR B 34 5.65 7.54 -21.57
CA THR B 34 5.15 8.59 -22.45
C THR B 34 4.28 8.03 -23.58
N GLU B 35 4.56 6.81 -24.02
CA GLU B 35 3.73 6.20 -25.06
C GLU B 35 2.30 5.98 -24.58
N HIS B 36 2.11 5.84 -23.27
CA HIS B 36 0.78 5.70 -22.69
C HIS B 36 0.31 6.97 -22.01
N LYS B 37 0.93 8.11 -22.31
CA LYS B 37 0.60 9.39 -21.69
C LYS B 37 0.59 9.30 -20.17
N SER B 38 1.58 8.60 -19.63
CA SER B 38 1.68 8.36 -18.20
C SER B 38 3.02 8.87 -17.68
N GLN B 39 3.12 8.94 -16.36
CA GLN B 39 4.35 9.33 -15.68
C GLN B 39 4.53 8.46 -14.45
N GLY B 40 5.75 8.01 -14.23
CA GLY B 40 6.02 7.15 -13.09
C GLY B 40 7.45 6.63 -13.11
N VAL B 41 7.69 5.60 -12.30
CA VAL B 41 9.02 5.03 -12.15
C VAL B 41 8.91 3.51 -12.13
N VAL B 42 9.93 2.86 -12.69
CA VAL B 42 10.08 1.41 -12.63
C VAL B 42 11.49 1.11 -12.12
N VAL B 43 11.58 0.28 -11.09
CA VAL B 43 12.85 -0.10 -10.48
C VAL B 43 13.02 -1.60 -10.61
N LEU B 44 14.14 -2.04 -11.16
CA LEU B 44 14.47 -3.45 -11.29
C LEU B 44 15.75 -3.74 -10.52
N TRP B 45 15.83 -4.94 -9.93
CA TRP B 45 17.01 -5.38 -9.20
C TRP B 45 17.38 -6.78 -9.65
N ASN B 46 18.56 -6.92 -10.24
CA ASN B 46 19.11 -8.22 -10.60
C ASN B 46 19.78 -8.81 -9.37
N GLU B 47 19.16 -9.86 -8.81
CA GLU B 47 19.68 -10.43 -7.56
C GLU B 47 21.02 -11.12 -7.78
N ASN B 48 21.20 -11.80 -8.91
CA ASN B 48 22.45 -12.51 -9.15
C ASN B 48 23.62 -11.55 -9.28
N LYS B 49 23.44 -10.46 -10.00
CA LYS B 49 24.52 -9.51 -10.27
C LYS B 49 24.53 -8.33 -9.30
N GLN B 50 23.53 -8.23 -8.42
CA GLN B 50 23.44 -7.14 -7.45
C GLN B 50 23.45 -5.78 -8.13
N GLN B 51 22.72 -5.67 -9.25
CA GLN B 51 22.65 -4.45 -10.04
C GLN B 51 21.21 -3.97 -10.07
N GLY B 52 21.03 -2.66 -9.85
CA GLY B 52 19.72 -2.03 -9.91
C GLY B 52 19.59 -1.18 -11.15
N PHE B 53 18.37 -1.09 -11.67
CA PHE B 53 18.07 -0.30 -12.86
C PHE B 53 16.79 0.46 -12.64
N THR B 54 16.76 1.71 -13.09
CA THR B 54 15.55 2.52 -12.98
C THR B 54 15.56 3.59 -14.06
N ASN B 55 14.37 4.10 -14.36
CA ASN B 55 14.21 5.21 -15.29
C ASN B 55 14.16 6.56 -14.59
N ASN B 56 14.36 6.60 -13.28
CA ASN B 56 14.26 7.84 -12.52
C ASN B 56 14.81 7.63 -11.12
N LEU B 57 16.09 7.94 -10.91
CA LEU B 57 16.70 7.74 -9.60
C LEU B 57 16.01 8.57 -8.52
N LYS B 58 15.53 9.76 -8.88
CA LYS B 58 14.88 10.62 -7.88
C LYS B 58 13.55 10.02 -7.44
N ARG B 59 12.65 9.76 -8.39
CA ARG B 59 11.35 9.19 -8.02
C ARG B 59 11.49 7.80 -7.44
N ALA B 60 12.56 7.08 -7.80
CA ALA B 60 12.79 5.76 -7.24
C ALA B 60 12.97 5.82 -5.73
N ASN B 61 13.47 6.95 -5.22
CA ASN B 61 13.72 7.12 -3.79
C ASN B 61 12.70 8.05 -3.13
N GLN B 62 11.66 8.47 -3.86
CA GLN B 62 10.59 9.26 -3.29
C GLN B 62 9.56 8.33 -2.66
N ALA B 63 9.16 8.64 -1.43
CA ALA B 63 8.27 7.78 -0.66
C ALA B 63 6.82 8.19 -0.87
N PHE B 64 5.95 7.19 -1.00
CA PHE B 64 4.52 7.39 -1.17
C PHE B 64 3.78 6.50 -0.19
N LEU B 65 2.48 6.75 -0.06
CA LEU B 65 1.63 5.87 0.73
C LEU B 65 1.66 4.47 0.14
N PRO B 66 1.91 3.42 0.94
CA PRO B 66 1.99 2.07 0.37
C PRO B 66 0.66 1.56 -0.12
N ALA B 67 -0.45 2.02 0.45
CA ALA B 67 -1.81 1.61 0.08
C ALA B 67 -1.88 0.08 0.20
N SER B 68 -2.37 -0.62 -0.82
CA SER B 68 -2.60 -2.06 -0.69
C SER B 68 -1.33 -2.88 -0.65
N THR B 69 -0.18 -2.30 -1.04
CA THR B 69 1.07 -3.04 -0.90
C THR B 69 1.42 -3.30 0.55
N PHE B 70 0.84 -2.55 1.48
CA PHE B 70 1.01 -2.81 2.90
C PHE B 70 0.40 -4.13 3.33
N LYS B 71 -0.40 -4.77 2.48
CA LYS B 71 -0.96 -6.08 2.81
C LYS B 71 0.13 -7.14 2.94
N ILE B 72 1.30 -6.92 2.36
CA ILE B 72 2.40 -7.88 2.47
C ILE B 72 2.94 -7.88 3.89
N PRO B 73 3.39 -6.76 4.46
CA PRO B 73 3.82 -6.82 5.88
C PRO B 73 2.67 -7.06 6.84
N ASN B 74 1.47 -6.58 6.51
CA ASN B 74 0.33 -6.83 7.38
C ASN B 74 0.01 -8.31 7.48
N SER B 75 0.12 -9.03 6.36
CA SER B 75 -0.11 -10.48 6.39
C SER B 75 0.96 -11.18 7.21
N LEU B 76 2.23 -10.76 7.06
CA LEU B 76 3.31 -11.39 7.81
C LEU B 76 3.10 -11.24 9.31
N ILE B 77 2.73 -10.04 9.76
CA ILE B 77 2.53 -9.82 11.19
C ILE B 77 1.30 -10.56 11.69
N ALA B 78 0.21 -10.51 10.93
CA ALA B 78 -1.02 -11.19 11.34
C ALA B 78 -0.80 -12.70 11.44
N LEU B 79 0.00 -13.27 10.55
CA LEU B 79 0.27 -14.70 10.59
C LEU B 79 1.18 -15.05 11.76
N ASP B 80 2.23 -14.26 11.98
CA ASP B 80 3.19 -14.58 13.02
C ASP B 80 2.65 -14.35 14.43
N LEU B 81 1.67 -13.46 14.58
CA LEU B 81 1.06 -13.19 15.88
C LEU B 81 -0.14 -14.08 16.18
N GLY B 82 -0.50 -14.96 15.25
CA GLY B 82 -1.63 -15.84 15.46
C GLY B 82 -2.98 -15.27 15.11
N VAL B 83 -3.04 -14.02 14.65
CA VAL B 83 -4.32 -13.44 14.23
C VAL B 83 -4.90 -14.23 13.06
N VAL B 84 -4.03 -14.66 12.15
CA VAL B 84 -4.42 -15.56 11.06
C VAL B 84 -3.70 -16.88 11.29
N LYS B 85 -4.48 -17.98 11.35
CA LYS B 85 -3.89 -19.28 11.65
C LYS B 85 -3.22 -19.89 10.42
N ASP B 86 -3.88 -19.87 9.28
CA ASP B 86 -3.28 -20.33 8.03
C ASP B 86 -4.01 -19.68 6.86
N GLU B 87 -3.61 -20.05 5.65
CA GLU B 87 -4.16 -19.46 4.43
C GLU B 87 -5.57 -19.95 4.11
N HIS B 88 -6.12 -20.87 4.91
CA HIS B 88 -7.46 -21.40 4.67
C HIS B 88 -8.51 -20.82 5.60
N GLN B 89 -8.11 -20.15 6.68
CA GLN B 89 -9.07 -19.59 7.62
C GLN B 89 -9.98 -18.59 6.92
N VAL B 90 -11.28 -18.76 7.13
CA VAL B 90 -12.29 -17.94 6.45
C VAL B 90 -12.59 -16.70 7.29
N PHE B 91 -12.59 -15.55 6.62
CA PHE B 91 -12.97 -14.28 7.23
C PHE B 91 -14.34 -13.90 6.69
N LYS B 92 -15.35 -13.99 7.55
CA LYS B 92 -16.73 -13.85 7.10
C LYS B 92 -17.04 -12.41 6.71
N TRP B 93 -17.77 -12.26 5.60
CA TRP B 93 -18.26 -10.95 5.21
C TRP B 93 -19.25 -10.44 6.25
N ASP B 94 -19.14 -9.14 6.58
CA ASP B 94 -19.97 -8.56 7.63
C ASP B 94 -21.34 -8.12 7.14
N GLY B 95 -21.76 -8.55 5.95
CA GLY B 95 -23.06 -8.19 5.43
C GLY B 95 -23.21 -6.75 4.98
N GLN B 96 -22.15 -5.95 5.03
CA GLN B 96 -22.19 -4.56 4.61
C GLN B 96 -21.64 -4.46 3.19
N THR B 97 -22.49 -4.00 2.27
CA THR B 97 -22.13 -3.92 0.86
C THR B 97 -21.22 -2.72 0.63
N ARG B 98 -20.09 -2.95 -0.03
CA ARG B 98 -19.11 -1.92 -0.34
C ARG B 98 -18.98 -1.77 -1.85
N ASP B 99 -18.17 -0.79 -2.27
CA ASP B 99 -18.14 -0.41 -3.67
C ASP B 99 -17.55 -1.50 -4.55
N ILE B 100 -16.50 -2.16 -4.09
CA ILE B 100 -15.86 -3.23 -4.86
C ILE B 100 -16.61 -4.52 -4.59
N ALA B 101 -17.22 -5.08 -5.64
CA ALA B 101 -18.14 -6.20 -5.47
C ALA B 101 -17.45 -7.45 -4.91
N THR B 102 -16.18 -7.66 -5.26
CA THR B 102 -15.47 -8.83 -4.77
C THR B 102 -15.22 -8.79 -3.27
N TRP B 103 -15.40 -7.62 -2.64
CA TRP B 103 -15.26 -7.51 -1.19
C TRP B 103 -16.47 -8.04 -0.43
N ASN B 104 -17.63 -8.14 -1.09
CA ASN B 104 -18.88 -8.48 -0.41
C ASN B 104 -19.10 -9.99 -0.42
N ARG B 105 -18.13 -10.71 0.15
CA ARG B 105 -18.18 -12.16 0.20
C ARG B 105 -17.18 -12.64 1.23
N ASP B 106 -17.23 -13.93 1.53
CA ASP B 106 -16.25 -14.55 2.40
C ASP B 106 -14.89 -14.59 1.71
N HIS B 107 -13.83 -14.58 2.50
CA HIS B 107 -12.47 -14.57 1.97
C HIS B 107 -11.55 -15.36 2.89
N ASN B 108 -10.48 -15.89 2.31
CA ASN B 108 -9.33 -16.37 3.04
C ASN B 108 -8.13 -15.46 2.72
N LEU B 109 -6.97 -15.82 3.26
CA LEU B 109 -5.79 -14.98 3.04
C LEU B 109 -5.43 -14.90 1.56
N ILE B 110 -5.61 -16.00 0.83
CA ILE B 110 -5.28 -16.02 -0.59
C ILE B 110 -6.18 -15.08 -1.37
N THR B 111 -7.49 -15.19 -1.16
CA THR B 111 -8.43 -14.36 -1.91
C THR B 111 -8.44 -12.92 -1.41
N ALA B 112 -8.22 -12.70 -0.11
CA ALA B 112 -8.13 -11.33 0.40
C ALA B 112 -6.94 -10.61 -0.21
N MET B 113 -5.86 -11.32 -0.51
CA MET B 113 -4.73 -10.72 -1.21
C MET B 113 -5.07 -10.46 -2.67
N LYS B 114 -5.64 -11.46 -3.35
CA LYS B 114 -5.94 -11.36 -4.77
C LYS B 114 -6.84 -10.16 -5.06
N TYR B 115 -7.96 -10.06 -4.35
CA TYR B 115 -8.92 -8.99 -4.57
C TYR B 115 -8.68 -7.77 -3.71
N SER B 116 -7.63 -7.79 -2.87
CA SER B 116 -7.20 -6.64 -2.09
C SER B 116 -8.35 -6.12 -1.21
N VAL B 117 -8.87 -7.01 -0.38
CA VAL B 117 -10.04 -6.72 0.45
C VAL B 117 -9.57 -5.91 1.65
N VAL B 118 -9.70 -4.58 1.56
CA VAL B 118 -9.21 -3.71 2.62
C VAL B 118 -9.90 -3.97 3.97
N PRO B 119 -11.23 -4.09 4.05
CA PRO B 119 -11.85 -4.29 5.37
C PRO B 119 -11.35 -5.52 6.11
N VAL B 120 -10.96 -6.59 5.40
CA VAL B 120 -10.41 -7.75 6.06
C VAL B 120 -9.08 -7.41 6.72
N TYR B 121 -8.24 -6.63 6.05
CA TYR B 121 -6.95 -6.27 6.59
C TYR B 121 -7.04 -5.16 7.64
N GLN B 122 -8.06 -4.30 7.54
CA GLN B 122 -8.30 -3.34 8.61
C GLN B 122 -8.64 -4.06 9.91
N GLU B 123 -9.34 -5.20 9.81
CA GLU B 123 -9.60 -6.01 11.00
C GLU B 123 -8.32 -6.67 11.50
N PHE B 124 -7.44 -7.07 10.58
CA PHE B 124 -6.14 -7.61 10.98
C PHE B 124 -5.38 -6.61 11.84
N ALA B 125 -5.26 -5.37 11.36
CA ALA B 125 -4.47 -4.36 12.04
C ALA B 125 -5.04 -4.01 13.41
N ARG B 126 -6.37 -4.03 13.54
CA ARG B 126 -6.98 -3.73 14.84
C ARG B 126 -6.63 -4.78 15.87
N GLN B 127 -6.63 -6.06 15.48
CA GLN B 127 -6.25 -7.12 16.41
C GLN B 127 -4.75 -7.13 16.65
N ILE B 128 -3.95 -6.69 15.68
CA ILE B 128 -2.50 -6.62 15.88
C ILE B 128 -2.16 -5.60 16.95
N GLY B 129 -2.86 -4.46 16.94
CA GLY B 129 -2.62 -3.41 17.91
C GLY B 129 -1.59 -2.41 17.43
N GLU B 130 -1.76 -1.14 17.80
CA GLU B 130 -0.83 -0.11 17.36
C GLU B 130 0.58 -0.34 17.91
N ALA B 131 0.68 -0.92 19.11
CA ALA B 131 1.99 -1.15 19.71
C ALA B 131 2.75 -2.25 18.99
N ARG B 132 2.08 -3.40 18.78
CA ARG B 132 2.74 -4.51 18.10
C ARG B 132 2.99 -4.22 16.63
N MET B 133 2.10 -3.46 16.00
CA MET B 133 2.28 -3.11 14.59
C MET B 133 3.53 -2.25 14.41
N SER B 134 3.69 -1.22 15.25
CA SER B 134 4.84 -0.34 15.14
C SER B 134 6.14 -1.08 15.44
N LYS B 135 6.11 -2.00 16.40
CA LYS B 135 7.31 -2.76 16.73
C LYS B 135 7.75 -3.65 15.57
N MET B 136 6.80 -4.30 14.91
CA MET B 136 7.14 -5.19 13.80
C MET B 136 7.62 -4.41 12.59
N LEU B 137 7.01 -3.25 12.31
CA LEU B 137 7.45 -2.43 11.19
C LEU B 137 8.88 -1.93 11.38
N HIS B 138 9.27 -1.67 12.62
CA HIS B 138 10.66 -1.30 12.88
C HIS B 138 11.60 -2.48 12.66
N ALA B 139 11.19 -3.68 13.11
CA ALA B 139 11.99 -4.87 12.86
C ALA B 139 12.09 -5.18 11.37
N PHE B 140 11.06 -4.81 10.60
CA PHE B 140 11.08 -4.99 9.15
C PHE B 140 11.88 -3.92 8.43
N ASP B 141 12.25 -2.84 9.12
CA ASP B 141 12.87 -1.67 8.49
C ASP B 141 11.99 -1.17 7.33
N TYR B 142 10.69 -1.14 7.56
CA TYR B 142 9.72 -0.90 6.51
C TYR B 142 9.38 0.58 6.44
N GLY B 143 9.68 1.20 5.29
CA GLY B 143 9.30 2.59 5.08
C GLY B 143 9.90 3.50 6.13
N ASN B 144 9.17 4.56 6.48
CA ASN B 144 9.58 5.45 7.55
C ASN B 144 9.17 4.95 8.92
N GLU B 145 8.53 3.78 9.00
CA GLU B 145 8.08 3.17 10.24
C GLU B 145 7.14 4.08 11.03
N ASP B 146 6.52 5.06 10.37
CA ASP B 146 5.65 6.01 11.06
C ASP B 146 4.22 5.51 11.00
N ILE B 147 3.58 5.38 12.16
CA ILE B 147 2.26 4.82 12.24
C ILE B 147 1.20 5.91 12.38
N SER B 148 1.55 7.15 12.06
CA SER B 148 0.66 8.27 12.34
C SER B 148 -0.69 8.07 11.66
N GLY B 149 -1.74 8.52 12.34
CA GLY B 149 -3.07 8.01 12.09
C GLY B 149 -3.36 6.84 13.01
N ASN B 150 -4.49 6.21 12.79
CA ASN B 150 -4.81 5.05 13.62
C ASN B 150 -4.37 3.76 12.94
N VAL B 151 -4.44 2.67 13.70
CA VAL B 151 -3.79 1.42 13.30
C VAL B 151 -4.44 0.76 12.11
N ASP B 152 -5.71 1.05 11.82
CA ASP B 152 -6.43 0.37 10.74
C ASP B 152 -6.58 1.21 9.49
N SER B 153 -5.82 2.30 9.35
CA SER B 153 -5.99 3.19 8.21
C SER B 153 -4.76 4.03 7.93
N PHE B 154 -3.69 3.83 8.71
CA PHE B 154 -2.50 4.66 8.54
C PHE B 154 -1.80 4.42 7.21
N TRP B 155 -2.05 3.27 6.56
CA TRP B 155 -1.50 3.03 5.24
C TRP B 155 -2.41 3.51 4.12
N LEU B 156 -3.64 3.93 4.44
CA LEU B 156 -4.55 4.49 3.45
C LEU B 156 -4.42 6.01 3.36
N ASP B 157 -4.39 6.69 4.51
CA ASP B 157 -4.27 8.15 4.51
C ASP B 157 -3.42 8.66 5.67
N GLY B 158 -2.65 7.79 6.33
CA GLY B 158 -1.88 8.19 7.50
C GLY B 158 -0.49 8.69 7.17
N GLY B 159 0.48 8.33 8.00
CA GLY B 159 1.82 8.89 7.88
C GLY B 159 2.88 7.94 7.38
N ILE B 160 2.53 6.68 7.14
CA ILE B 160 3.51 5.71 6.65
C ILE B 160 3.77 5.97 5.17
N ARG B 161 5.05 6.01 4.80
CA ARG B 161 5.46 6.23 3.44
C ARG B 161 6.60 5.28 3.10
N ILE B 162 6.67 4.87 1.83
CA ILE B 162 7.71 3.94 1.39
C ILE B 162 8.05 4.26 -0.05
N SER B 163 9.34 4.13 -0.39
CA SER B 163 9.83 4.37 -1.73
C SER B 163 9.93 3.06 -2.51
N ALA B 164 10.08 3.18 -3.83
CA ALA B 164 10.22 2.00 -4.67
C ALA B 164 11.46 1.20 -4.30
N THR B 165 12.58 1.89 -4.05
CA THR B 165 13.80 1.19 -3.64
C THR B 165 13.64 0.56 -2.26
N GLU B 166 12.89 1.19 -1.37
CA GLU B 166 12.65 0.60 -0.05
C GLU B 166 11.73 -0.61 -0.15
N GLN B 167 10.82 -0.62 -1.12
CA GLN B 167 10.02 -1.82 -1.36
C GLN B 167 10.90 -2.97 -1.84
N ILE B 168 11.86 -2.67 -2.72
CA ILE B 168 12.80 -3.71 -3.17
C ILE B 168 13.58 -4.27 -1.99
N SER B 169 14.06 -3.39 -1.11
CA SER B 169 14.81 -3.84 0.06
C SER B 169 13.97 -4.75 0.94
N PHE B 170 12.70 -4.38 1.15
CA PHE B 170 11.81 -5.21 1.97
C PHE B 170 11.54 -6.55 1.31
N LEU B 171 11.27 -6.54 0.00
CA LEU B 171 10.95 -7.77 -0.71
C LEU B 171 12.14 -8.71 -0.79
N ARG B 172 13.36 -8.17 -0.87
CA ARG B 172 14.54 -9.03 -0.93
C ARG B 172 14.71 -9.83 0.35
N LYS B 173 14.44 -9.20 1.50
CA LYS B 173 14.49 -9.93 2.76
C LYS B 173 13.40 -11.00 2.82
N LEU B 174 12.21 -10.69 2.30
CA LEU B 174 11.12 -11.66 2.32
C LEU B 174 11.45 -12.86 1.43
N TYR B 175 12.06 -12.62 0.28
CA TYR B 175 12.41 -13.73 -0.61
C TYR B 175 13.37 -14.70 0.04
N HIS B 176 14.37 -14.18 0.75
CA HIS B 176 15.39 -15.00 1.40
C HIS B 176 15.00 -15.44 2.80
N ASN B 177 13.75 -15.19 3.22
CA ASN B 177 13.25 -15.59 4.54
C ASN B 177 14.09 -14.97 5.66
N LYS B 178 14.57 -13.76 5.44
CA LYS B 178 15.43 -13.08 6.41
C LYS B 178 14.71 -12.03 7.23
N LEU B 179 13.40 -11.86 7.04
CA LEU B 179 12.65 -10.97 7.90
C LEU B 179 12.49 -11.57 9.29
N HIS B 180 12.29 -10.70 10.28
CA HIS B 180 12.25 -11.16 11.67
C HIS B 180 10.89 -11.74 12.02
N VAL B 181 10.40 -12.67 11.18
CA VAL B 181 9.23 -13.47 11.46
C VAL B 181 9.59 -14.92 11.17
N SER B 182 8.67 -15.83 11.52
CA SER B 182 8.90 -17.24 11.25
C SER B 182 9.00 -17.50 9.76
N GLU B 183 9.74 -18.54 9.40
CA GLU B 183 9.83 -18.94 7.99
C GLU B 183 8.46 -19.34 7.45
N ARG B 184 7.62 -19.93 8.29
CA ARG B 184 6.29 -20.36 7.86
C ARG B 184 5.45 -19.17 7.40
N SER B 185 5.45 -18.09 8.19
CA SER B 185 4.68 -16.91 7.81
C SER B 185 5.17 -16.32 6.50
N GLN B 186 6.48 -16.33 6.28
CA GLN B 186 7.02 -15.78 5.05
C GLN B 186 6.69 -16.67 3.86
N ARG B 187 6.70 -17.99 4.05
CA ARG B 187 6.33 -18.90 2.96
C ARG B 187 4.86 -18.76 2.60
N ILE B 188 3.99 -18.60 3.60
CA ILE B 188 2.57 -18.46 3.34
C ILE B 188 2.29 -17.16 2.58
N VAL B 189 2.93 -16.07 2.99
CA VAL B 189 2.71 -14.79 2.33
C VAL B 189 3.22 -14.83 0.89
N LYS B 190 4.39 -15.46 0.67
CA LYS B 190 4.89 -15.60 -0.68
C LYS B 190 3.98 -16.47 -1.53
N GLN B 191 3.35 -17.48 -0.93
CA GLN B 191 2.33 -18.25 -1.64
C GLN B 191 1.14 -17.37 -1.99
N ALA B 192 0.70 -16.53 -1.05
CA ALA B 192 -0.44 -15.65 -1.29
C ALA B 192 -0.13 -14.57 -2.32
N MET B 193 1.14 -14.23 -2.51
CA MET B 193 1.53 -13.21 -3.49
C MET B 193 1.52 -13.74 -4.92
N LEU B 194 1.32 -15.04 -5.11
CA LEU B 194 1.36 -15.63 -6.45
C LEU B 194 0.35 -14.94 -7.35
N THR B 195 0.84 -14.44 -8.49
CA THR B 195 0.04 -13.69 -9.44
C THR B 195 0.00 -14.32 -10.82
N GLU B 196 1.14 -14.84 -11.30
CA GLU B 196 1.20 -15.45 -12.62
C GLU B 196 2.32 -16.48 -12.62
N ALA B 197 2.12 -17.55 -13.38
CA ALA B 197 3.14 -18.58 -13.50
C ALA B 197 2.93 -19.35 -14.80
N ASN B 198 4.02 -19.60 -15.51
CA ASN B 198 4.02 -20.43 -16.71
C ASN B 198 5.37 -21.11 -16.81
N GLY B 199 5.66 -21.68 -17.98
CA GLY B 199 6.92 -22.35 -18.19
C GLY B 199 8.12 -21.43 -18.32
N ASP B 200 7.92 -20.12 -18.30
CA ASP B 200 9.02 -19.15 -18.46
C ASP B 200 9.35 -18.39 -17.20
N TYR B 201 8.37 -18.07 -16.36
CA TYR B 201 8.63 -17.26 -15.18
C TYR B 201 7.50 -17.44 -14.17
N ILE B 202 7.78 -16.99 -12.95
CA ILE B 202 6.79 -16.92 -11.87
C ILE B 202 6.80 -15.50 -11.33
N ILE B 203 5.62 -14.90 -11.22
CA ILE B 203 5.49 -13.54 -10.70
C ILE B 203 4.75 -13.61 -9.37
N ARG B 204 5.41 -13.17 -8.31
CA ARG B 204 4.79 -12.95 -7.02
C ARG B 204 4.80 -11.46 -6.75
N ALA B 205 3.61 -10.87 -6.61
CA ALA B 205 3.52 -9.41 -6.57
C ALA B 205 2.24 -9.01 -5.84
N LYS B 206 2.12 -7.70 -5.59
CA LYS B 206 0.96 -7.11 -4.95
C LYS B 206 0.72 -5.73 -5.53
N THR B 207 -0.52 -5.45 -5.91
CA THR B 207 -0.89 -4.14 -6.46
C THR B 207 -1.23 -3.17 -5.33
N GLY B 208 -1.30 -1.90 -5.69
CA GLY B 208 -1.66 -0.86 -4.75
C GLY B 208 -2.26 0.32 -5.48
N TYR B 209 -3.17 1.02 -4.79
CA TYR B 209 -3.85 2.17 -5.37
C TYR B 209 -4.09 3.19 -4.25
N SER B 210 -3.39 4.31 -4.30
CA SER B 210 -3.50 5.35 -3.29
C SER B 210 -4.30 6.52 -3.88
N THR B 211 -5.41 6.86 -3.22
CA THR B 211 -6.32 7.87 -3.72
C THR B 211 -6.67 8.97 -2.71
N ARG B 212 -6.42 8.77 -1.42
CA ARG B 212 -6.92 9.70 -0.42
C ARG B 212 -6.10 11.00 -0.37
N ILE B 213 -4.84 10.96 -0.77
CA ILE B 213 -3.96 12.12 -0.74
C ILE B 213 -3.20 12.20 -2.05
N GLU B 214 -3.15 13.39 -2.64
CA GLU B 214 -2.38 13.59 -3.86
C GLU B 214 -0.89 13.42 -3.58
N PRO B 215 -0.13 12.88 -4.55
CA PRO B 215 -0.62 12.45 -5.87
C PRO B 215 -1.23 11.05 -5.83
N LYS B 216 -2.35 10.88 -6.54
CA LYS B 216 -2.93 9.56 -6.71
C LYS B 216 -1.99 8.69 -7.53
N ILE B 217 -1.56 7.56 -6.97
CA ILE B 217 -0.61 6.70 -7.63
C ILE B 217 -1.08 5.24 -7.55
N GLY B 218 -0.58 4.44 -8.47
CA GLY B 218 -0.78 3.00 -8.46
C GLY B 218 0.54 2.29 -8.27
N TRP B 219 0.51 1.20 -7.51
CA TRP B 219 1.69 0.42 -7.18
C TRP B 219 1.66 -0.93 -7.89
N TRP B 220 2.86 -1.48 -8.12
CA TRP B 220 3.02 -2.91 -8.38
C TRP B 220 4.44 -3.28 -7.94
N VAL B 221 4.54 -4.06 -6.86
CA VAL B 221 5.82 -4.48 -6.31
C VAL B 221 5.83 -5.99 -6.21
N GLY B 222 7.02 -6.57 -6.37
CA GLY B 222 7.17 -8.02 -6.29
C GLY B 222 8.47 -8.44 -6.93
N TRP B 223 8.46 -9.65 -7.50
CA TRP B 223 9.64 -10.15 -8.20
C TRP B 223 9.23 -11.17 -9.24
N VAL B 224 10.13 -11.38 -10.20
CA VAL B 224 9.97 -12.36 -11.27
C VAL B 224 10.97 -13.46 -11.01
N GLU B 225 10.48 -14.68 -10.82
CA GLU B 225 11.33 -15.84 -10.57
C GLU B 225 11.66 -16.52 -11.90
N LEU B 226 12.94 -16.63 -12.20
CA LEU B 226 13.43 -17.37 -13.36
C LEU B 226 14.13 -18.63 -12.90
N ASP B 227 14.51 -19.47 -13.88
CA ASP B 227 15.20 -20.71 -13.57
C ASP B 227 16.51 -20.45 -12.84
N ASP B 228 17.23 -19.40 -13.23
CA ASP B 228 18.59 -19.15 -12.76
C ASP B 228 18.76 -17.81 -12.08
N ASN B 229 17.70 -17.02 -11.91
CA ASN B 229 17.83 -15.68 -11.37
C ASN B 229 16.48 -15.22 -10.85
N VAL B 230 16.50 -14.14 -10.08
CA VAL B 230 15.29 -13.48 -9.59
C VAL B 230 15.43 -11.99 -9.83
N TRP B 231 14.44 -11.40 -10.48
CA TRP B 231 14.40 -9.97 -10.76
C TRP B 231 13.34 -9.33 -9.87
N PHE B 232 13.77 -8.56 -8.88
CA PHE B 232 12.84 -7.81 -8.06
C PHE B 232 12.41 -6.56 -8.79
N PHE B 233 11.15 -6.17 -8.60
CA PHE B 233 10.64 -4.96 -9.25
C PHE B 233 9.73 -4.21 -8.30
N ALA B 234 9.71 -2.89 -8.48
CA ALA B 234 8.81 -2.01 -7.73
C ALA B 234 8.53 -0.81 -8.62
N MET B 235 7.26 -0.55 -8.90
CA MET B 235 6.87 0.55 -9.76
C MET B 235 5.71 1.31 -9.13
N ASN B 236 5.69 2.61 -9.41
CA ASN B 236 4.52 3.43 -9.13
C ASN B 236 4.38 4.46 -10.23
N MET B 237 3.13 4.87 -10.48
CA MET B 237 2.83 5.79 -11.58
C MET B 237 1.66 6.66 -11.16
N ASP B 238 1.61 7.87 -11.72
CA ASP B 238 0.49 8.76 -11.47
C ASP B 238 -0.80 8.12 -12.00
N MET B 239 -1.81 8.06 -11.14
CA MET B 239 -3.08 7.41 -11.45
C MET B 239 -4.23 8.36 -11.15
N PRO B 240 -4.44 9.36 -12.01
CA PRO B 240 -5.55 10.31 -11.75
C PRO B 240 -6.92 9.67 -11.77
N THR B 241 -7.13 8.67 -12.63
CA THR B 241 -8.38 7.92 -12.68
C THR B 241 -8.07 6.43 -12.60
N SER B 242 -9.09 5.65 -12.22
CA SER B 242 -8.95 4.22 -12.13
C SER B 242 -8.95 3.53 -13.50
N ASP B 243 -9.16 4.29 -14.58
CA ASP B 243 -9.21 3.70 -15.92
C ASP B 243 -7.87 3.09 -16.32
N GLY B 244 -6.77 3.68 -15.87
CA GLY B 244 -5.45 3.21 -16.27
C GLY B 244 -4.78 2.30 -15.27
N LEU B 245 -5.57 1.63 -14.43
CA LEU B 245 -4.99 0.72 -13.44
C LEU B 245 -4.25 -0.43 -14.10
N GLY B 246 -4.74 -0.89 -15.26
CA GLY B 246 -4.06 -1.97 -15.96
C GLY B 246 -2.69 -1.59 -16.49
N LEU B 247 -2.38 -0.30 -16.55
CA LEU B 247 -1.07 0.13 -17.01
C LEU B 247 0.04 -0.22 -16.03
N ARG B 248 -0.30 -0.45 -14.75
CA ARG B 248 0.71 -0.83 -13.77
C ARG B 248 1.43 -2.10 -14.19
N GLN B 249 0.68 -3.15 -14.52
CA GLN B 249 1.29 -4.39 -14.98
C GLN B 249 1.75 -4.32 -16.43
N ALA B 250 1.02 -3.59 -17.27
CA ALA B 250 1.37 -3.52 -18.68
C ALA B 250 2.71 -2.82 -18.91
N ILE B 251 2.93 -1.70 -18.21
CA ILE B 251 4.18 -0.97 -18.38
C ILE B 251 5.34 -1.75 -17.76
N THR B 252 5.09 -2.39 -16.61
CA THR B 252 6.14 -3.20 -15.98
C THR B 252 6.55 -4.35 -16.88
N LYS B 253 5.57 -5.02 -17.51
CA LYS B 253 5.89 -6.13 -18.40
C LYS B 253 6.56 -5.64 -19.68
N GLU B 254 6.26 -4.42 -20.10
CA GLU B 254 6.97 -3.84 -21.25
C GLU B 254 8.45 -3.66 -20.95
N VAL B 255 8.77 -3.23 -19.73
CA VAL B 255 10.16 -3.09 -19.32
C VAL B 255 10.82 -4.45 -19.19
N LEU B 256 10.12 -5.44 -18.62
CA LEU B 256 10.68 -6.76 -18.46
C LEU B 256 10.97 -7.41 -19.81
N LYS B 257 10.08 -7.24 -20.77
CA LYS B 257 10.29 -7.84 -22.09
C LYS B 257 11.39 -7.11 -22.85
N GLN B 258 11.49 -5.79 -22.68
CA GLN B 258 12.55 -5.04 -23.34
C GLN B 258 13.92 -5.44 -22.80
N GLU B 259 14.02 -5.73 -21.51
CA GLU B 259 15.25 -6.18 -20.89
C GLU B 259 15.44 -7.69 -20.99
N LYS B 260 14.66 -8.36 -21.83
CA LYS B 260 14.75 -9.81 -22.08
C LYS B 260 14.60 -10.63 -20.81
N ILE B 261 13.95 -10.08 -19.78
CA ILE B 261 13.74 -10.84 -18.55
C ILE B 261 12.62 -11.86 -18.74
N ILE B 262 11.57 -11.49 -19.45
CA ILE B 262 10.50 -12.42 -19.80
C ILE B 262 10.31 -12.37 -21.31
N PRO B 263 9.94 -13.48 -21.96
CA PRO B 263 9.76 -13.49 -23.41
C PRO B 263 8.55 -12.66 -23.86
N GLU C 16 22.73 9.17 -22.54
CA GLU C 16 23.81 9.01 -21.58
C GLU C 16 23.30 8.40 -20.28
N ASN C 17 23.50 7.09 -20.11
CA ASN C 17 23.05 6.40 -18.91
C ASN C 17 23.91 6.79 -17.72
N LEU C 18 23.28 7.32 -16.68
CA LEU C 18 24.00 7.67 -15.46
C LEU C 18 24.15 6.44 -14.58
N TYR C 19 25.28 6.36 -13.87
CA TYR C 19 25.57 5.25 -12.97
C TYR C 19 25.77 5.80 -11.56
N PHE C 20 25.11 5.18 -10.59
CA PHE C 20 25.18 5.62 -9.20
C PHE C 20 25.41 4.41 -8.30
N GLN C 21 26.52 4.43 -7.57
CA GLN C 21 26.89 3.28 -6.75
C GLN C 21 26.02 3.13 -5.50
N GLY C 22 25.47 4.22 -4.97
CA GLY C 22 24.66 4.11 -3.77
C GLY C 22 25.21 4.87 -2.58
N TRP C 23 24.34 5.20 -1.63
CA TRP C 23 24.76 5.94 -0.44
C TRP C 23 25.31 4.95 0.59
N GLN C 24 26.62 5.02 0.84
CA GLN C 24 27.22 4.21 1.90
C GLN C 24 26.72 4.71 3.25
N GLU C 25 26.26 3.79 4.09
CA GLU C 25 25.74 4.18 5.38
C GLU C 25 26.82 4.01 6.45
N ASN C 26 26.86 4.96 7.38
CA ASN C 26 27.89 4.98 8.42
C ASN C 26 27.26 5.53 9.68
N LYS C 27 26.84 4.65 10.58
CA LYS C 27 26.22 5.05 11.85
C LYS C 27 27.22 5.59 12.86
N SER C 28 28.52 5.64 12.53
CA SER C 28 29.46 6.27 13.44
C SER C 28 29.16 7.75 13.62
N TRP C 29 28.52 8.38 12.62
CA TRP C 29 28.18 9.78 12.74
C TRP C 29 27.02 10.02 13.70
N ASN C 30 26.27 8.97 14.07
CA ASN C 30 25.17 9.13 15.01
C ASN C 30 25.65 9.55 16.39
N ALA C 31 26.91 9.25 16.73
CA ALA C 31 27.45 9.68 18.01
C ALA C 31 27.45 11.20 18.13
N HIS C 32 27.64 11.91 17.01
CA HIS C 32 27.61 13.37 17.04
C HIS C 32 26.21 13.91 17.29
N PHE C 33 25.17 13.12 17.03
CA PHE C 33 23.80 13.55 17.29
C PHE C 33 23.36 13.23 18.72
N THR C 34 23.66 12.01 19.18
CA THR C 34 23.25 11.61 20.53
C THR C 34 24.06 12.33 21.59
N GLU C 35 25.32 12.66 21.31
CA GLU C 35 26.13 13.40 22.27
C GLU C 35 25.57 14.80 22.53
N HIS C 36 24.84 15.37 21.58
CA HIS C 36 24.16 16.63 21.76
C HIS C 36 22.68 16.46 22.08
N LYS C 37 22.26 15.25 22.43
CA LYS C 37 20.86 14.93 22.70
C LYS C 37 19.97 15.36 21.53
N SER C 38 20.40 15.01 20.32
CA SER C 38 19.73 15.43 19.10
C SER C 38 19.51 14.23 18.20
N GLN C 39 18.64 14.42 17.20
CA GLN C 39 18.34 13.40 16.21
C GLN C 39 18.29 14.06 14.84
N GLY C 40 18.97 13.47 13.87
CA GLY C 40 19.00 14.06 12.55
C GLY C 40 19.82 13.22 11.59
N VAL C 41 20.06 13.79 10.41
CA VAL C 41 20.77 13.12 9.33
C VAL C 41 21.82 14.07 8.78
N VAL C 42 22.96 13.50 8.37
CA VAL C 42 24.00 14.22 7.63
C VAL C 42 24.34 13.39 6.42
N VAL C 43 24.35 14.02 5.24
CA VAL C 43 24.66 13.37 3.98
C VAL C 43 25.82 14.09 3.33
N LEU C 44 26.86 13.36 2.96
CA LEU C 44 28.02 13.89 2.29
C LEU C 44 28.17 13.27 0.91
N TRP C 45 28.75 14.03 -0.02
CA TRP C 45 29.00 13.55 -1.37
C TRP C 45 30.39 13.98 -1.80
N ASN C 46 31.26 12.99 -2.03
CA ASN C 46 32.59 13.24 -2.57
C ASN C 46 32.49 13.38 -4.08
N GLU C 47 32.68 14.61 -4.57
CA GLU C 47 32.48 14.85 -6.00
C GLU C 47 33.55 14.16 -6.84
N ASN C 48 34.80 14.17 -6.39
CA ASN C 48 35.87 13.55 -7.16
C ASN C 48 35.65 12.05 -7.30
N LYS C 49 35.37 11.36 -6.20
CA LYS C 49 35.19 9.92 -6.21
C LYS C 49 33.77 9.48 -6.52
N GLN C 50 32.82 10.42 -6.59
CA GLN C 50 31.42 10.11 -6.89
C GLN C 50 30.85 9.10 -5.90
N GLN C 51 31.11 9.34 -4.62
CA GLN C 51 30.64 8.47 -3.56
C GLN C 51 29.86 9.27 -2.53
N GLY C 52 28.76 8.69 -2.05
CA GLY C 52 27.91 9.32 -1.06
C GLY C 52 27.98 8.60 0.27
N PHE C 53 27.79 9.35 1.34
CA PHE C 53 27.86 8.81 2.69
C PHE C 53 26.78 9.46 3.56
N THR C 54 26.20 8.69 4.47
CA THR C 54 25.18 9.19 5.36
C THR C 54 25.11 8.32 6.60
N ASN C 55 24.59 8.90 7.68
CA ASN C 55 24.40 8.17 8.93
C ASN C 55 23.02 7.51 9.01
N ASN C 56 22.09 7.87 8.13
CA ASN C 56 20.74 7.33 8.18
C ASN C 56 20.17 7.40 6.77
N LEU C 57 20.26 6.29 6.03
CA LEU C 57 19.78 6.28 4.65
C LEU C 57 18.28 6.57 4.59
N LYS C 58 17.53 6.07 5.57
CA LYS C 58 16.08 6.29 5.60
C LYS C 58 15.77 7.78 5.69
N ARG C 59 16.32 8.44 6.71
CA ARG C 59 16.07 9.88 6.87
C ARG C 59 16.73 10.68 5.76
N ALA C 60 17.82 10.18 5.18
CA ALA C 60 18.46 10.89 4.07
C ALA C 60 17.52 11.07 2.89
N ASN C 61 16.60 10.12 2.68
CA ASN C 61 15.64 10.19 1.59
C ASN C 61 14.28 10.73 2.03
N GLN C 62 14.12 11.08 3.30
CA GLN C 62 12.86 11.61 3.79
C GLN C 62 12.73 13.08 3.39
N ALA C 63 11.58 13.43 2.80
CA ALA C 63 11.37 14.76 2.26
C ALA C 63 10.67 15.66 3.29
N PHE C 64 11.22 16.86 3.47
CA PHE C 64 10.66 17.86 4.38
C PHE C 64 10.40 19.15 3.63
N LEU C 65 9.72 20.07 4.31
CA LEU C 65 9.60 21.42 3.80
C LEU C 65 11.00 22.04 3.70
N PRO C 66 11.35 22.68 2.58
CA PRO C 66 12.69 23.26 2.47
C PRO C 66 12.91 24.46 3.36
N ALA C 67 11.85 25.21 3.68
CA ALA C 67 11.92 26.41 4.51
C ALA C 67 12.92 27.37 3.87
N SER C 68 13.87 27.93 4.63
CA SER C 68 14.75 28.96 4.10
C SER C 68 15.77 28.42 3.09
N THR C 69 15.94 27.10 2.97
CA THR C 69 16.79 26.58 1.91
C THR C 69 16.19 26.84 0.53
N PHE C 70 14.88 27.08 0.47
CA PHE C 70 14.26 27.47 -0.80
C PHE C 70 14.75 28.82 -1.30
N LYS C 71 15.46 29.59 -0.47
CA LYS C 71 16.03 30.84 -0.95
C LYS C 71 17.03 30.62 -2.07
N ILE C 72 17.63 29.44 -2.15
CA ILE C 72 18.59 29.15 -3.21
C ILE C 72 17.87 29.06 -4.55
N PRO C 73 16.87 28.18 -4.74
CA PRO C 73 16.16 28.20 -6.03
C PRO C 73 15.34 29.47 -6.24
N ASN C 74 14.83 30.08 -5.17
CA ASN C 74 14.09 31.33 -5.32
C ASN C 74 15.00 32.45 -5.81
N SER C 75 16.26 32.46 -5.35
CA SER C 75 17.21 33.46 -5.83
C SER C 75 17.48 33.28 -7.32
N LEU C 76 17.73 32.04 -7.74
CA LEU C 76 18.04 31.77 -9.14
C LEU C 76 16.90 32.20 -10.05
N ILE C 77 15.67 31.88 -9.69
CA ILE C 77 14.52 32.24 -10.51
C ILE C 77 14.35 33.75 -10.56
N ALA C 78 14.45 34.42 -9.41
CA ALA C 78 14.26 35.86 -9.36
C ALA C 78 15.29 36.58 -10.20
N LEU C 79 16.54 36.07 -10.24
CA LEU C 79 17.58 36.70 -11.04
C LEU C 79 17.39 36.43 -12.53
N ASP C 80 17.06 35.19 -12.89
CA ASP C 80 16.91 34.85 -14.30
C ASP C 80 15.69 35.50 -14.94
N LEU C 81 14.69 35.89 -14.15
CA LEU C 81 13.50 36.53 -14.68
C LEU C 81 13.57 38.05 -14.66
N GLY C 82 14.61 38.62 -14.06
CA GLY C 82 14.72 40.06 -13.96
C GLY C 82 14.06 40.66 -12.73
N VAL C 83 13.49 39.83 -11.85
CA VAL C 83 12.93 40.35 -10.60
C VAL C 83 14.03 41.00 -9.77
N VAL C 84 15.22 40.40 -9.79
CA VAL C 84 16.42 40.96 -9.17
C VAL C 84 17.45 41.16 -10.27
N LYS C 85 17.86 42.41 -10.50
CA LYS C 85 18.78 42.67 -11.61
C LYS C 85 20.22 42.31 -11.24
N ASP C 86 20.63 42.56 -10.00
CA ASP C 86 21.95 42.14 -9.55
C ASP C 86 21.94 42.06 -8.02
N GLU C 87 23.07 41.64 -7.46
CA GLU C 87 23.21 41.47 -6.02
C GLU C 87 23.34 42.79 -5.28
N HIS C 88 23.35 43.93 -5.98
CA HIS C 88 23.44 45.23 -5.33
C HIS C 88 22.10 45.93 -5.19
N GLN C 89 21.07 45.48 -5.90
CA GLN C 89 19.75 46.11 -5.84
C GLN C 89 19.22 46.06 -4.42
N VAL C 90 18.72 47.22 -3.94
CA VAL C 90 18.25 47.34 -2.58
C VAL C 90 16.75 47.08 -2.53
N PHE C 91 16.34 46.17 -1.65
CA PHE C 91 14.93 45.89 -1.40
C PHE C 91 14.57 46.56 -0.09
N LYS C 92 13.91 47.71 -0.18
CA LYS C 92 13.67 48.54 0.99
C LYS C 92 12.63 47.92 1.92
N TRP C 93 12.82 48.14 3.21
CA TRP C 93 11.91 47.62 4.23
C TRP C 93 10.52 48.20 4.04
N ASP C 94 9.50 47.35 4.21
CA ASP C 94 8.12 47.76 4.00
C ASP C 94 7.53 48.52 5.17
N GLY C 95 8.31 48.79 6.22
CA GLY C 95 7.85 49.54 7.36
C GLY C 95 7.20 48.72 8.45
N GLN C 96 6.85 47.47 8.19
CA GLN C 96 6.21 46.63 9.19
C GLN C 96 7.28 45.97 10.06
N THR C 97 7.28 46.29 11.36
CA THR C 97 8.22 45.70 12.28
C THR C 97 7.90 44.23 12.48
N ARG C 98 8.91 43.38 12.36
CA ARG C 98 8.74 41.94 12.48
C ARG C 98 9.60 41.40 13.61
N ASP C 99 9.43 40.10 13.89
CA ASP C 99 10.00 39.52 15.11
C ASP C 99 11.52 39.51 15.08
N ILE C 100 12.12 39.28 13.91
CA ILE C 100 13.57 39.19 13.79
C ILE C 100 14.10 40.58 13.47
N ALA C 101 15.03 41.07 14.29
CA ALA C 101 15.46 42.45 14.21
C ALA C 101 16.16 42.76 12.89
N THR C 102 16.98 41.83 12.40
CA THR C 102 17.71 42.06 11.16
C THR C 102 16.80 42.17 9.95
N TRP C 103 15.53 41.77 10.07
CA TRP C 103 14.58 41.88 8.97
C TRP C 103 14.08 43.31 8.77
N ASN C 104 14.17 44.15 9.79
CA ASN C 104 13.54 45.48 9.77
C ASN C 104 14.53 46.53 9.27
N ARG C 105 15.03 46.32 8.07
CA ARG C 105 15.93 47.26 7.41
C ARG C 105 16.02 46.89 5.94
N ASP C 106 16.65 47.76 5.16
CA ASP C 106 16.86 47.49 3.75
C ASP C 106 17.84 46.34 3.57
N HIS C 107 17.74 45.68 2.41
CA HIS C 107 18.57 44.51 2.14
C HIS C 107 18.85 44.41 0.65
N ASN C 108 20.01 43.86 0.31
CA ASN C 108 20.30 43.37 -1.02
C ASN C 108 20.27 41.84 -0.98
N LEU C 109 20.54 41.23 -2.14
CA LEU C 109 20.48 39.76 -2.21
C LEU C 109 21.50 39.13 -1.27
N ILE C 110 22.67 39.75 -1.11
CA ILE C 110 23.70 39.20 -0.24
C ILE C 110 23.23 39.18 1.21
N THR C 111 22.73 40.32 1.70
CA THR C 111 22.29 40.40 3.08
C THR C 111 20.95 39.71 3.31
N ALA C 112 20.08 39.69 2.30
CA ALA C 112 18.83 38.95 2.43
C ALA C 112 19.08 37.46 2.59
N MET C 113 20.12 36.93 1.93
CA MET C 113 20.50 35.54 2.12
C MET C 113 21.13 35.33 3.49
N LYS C 114 22.05 36.21 3.88
CA LYS C 114 22.80 36.03 5.12
C LYS C 114 21.87 36.02 6.33
N TYR C 115 20.91 36.94 6.38
CA TYR C 115 19.98 37.05 7.49
C TYR C 115 18.66 36.34 7.23
N SER C 116 18.52 35.67 6.09
CA SER C 116 17.34 34.86 5.78
C SER C 116 16.06 35.67 5.89
N VAL C 117 16.04 36.82 5.21
CA VAL C 117 14.93 37.75 5.28
C VAL C 117 13.75 37.21 4.48
N VAL C 118 12.86 36.48 5.14
CA VAL C 118 11.71 35.88 4.46
C VAL C 118 10.86 36.90 3.71
N PRO C 119 10.47 38.04 4.29
CA PRO C 119 9.57 38.95 3.56
C PRO C 119 10.15 39.46 2.24
N VAL C 120 11.47 39.53 2.11
CA VAL C 120 12.07 39.90 0.84
C VAL C 120 11.78 38.83 -0.21
N TYR C 121 11.93 37.55 0.16
CA TYR C 121 11.72 36.47 -0.80
C TYR C 121 10.26 36.14 -1.02
N GLN C 122 9.38 36.47 -0.07
CA GLN C 122 7.96 36.37 -0.33
C GLN C 122 7.55 37.33 -1.44
N GLU C 123 8.09 38.55 -1.42
CA GLU C 123 7.85 39.50 -2.51
C GLU C 123 8.42 38.98 -3.83
N PHE C 124 9.57 38.31 -3.77
CA PHE C 124 10.14 37.68 -4.96
C PHE C 124 9.15 36.70 -5.57
N ALA C 125 8.59 35.82 -4.74
CA ALA C 125 7.69 34.79 -5.24
C ALA C 125 6.41 35.39 -5.82
N ARG C 126 5.92 36.47 -5.22
CA ARG C 126 4.71 37.12 -5.73
C ARG C 126 4.94 37.68 -7.13
N GLN C 127 6.11 38.26 -7.38
CA GLN C 127 6.42 38.77 -8.71
C GLN C 127 6.72 37.65 -9.69
N ILE C 128 7.28 36.53 -9.21
CA ILE C 128 7.55 35.40 -10.08
C ILE C 128 6.24 34.80 -10.58
N GLY C 129 5.27 34.64 -9.70
CA GLY C 129 3.98 34.10 -10.08
C GLY C 129 3.90 32.59 -9.95
N GLU C 130 2.68 32.10 -9.85
CA GLU C 130 2.46 30.66 -9.68
C GLU C 130 2.87 29.88 -10.91
N ALA C 131 2.60 30.42 -12.10
CA ALA C 131 2.88 29.68 -13.33
C ALA C 131 4.38 29.51 -13.55
N ARG C 132 5.15 30.60 -13.42
CA ARG C 132 6.57 30.53 -13.69
C ARG C 132 7.33 29.80 -12.59
N MET C 133 6.86 29.92 -11.34
CA MET C 133 7.51 29.21 -10.24
C MET C 133 7.38 27.69 -10.41
N SER C 134 6.20 27.23 -10.84
CA SER C 134 6.01 25.79 -11.03
C SER C 134 6.83 25.27 -12.20
N LYS C 135 6.90 26.02 -13.30
CA LYS C 135 7.68 25.58 -14.46
C LYS C 135 9.17 25.56 -14.15
N MET C 136 9.64 26.54 -13.37
CA MET C 136 11.07 26.60 -13.06
C MET C 136 11.48 25.47 -12.13
N LEU C 137 10.66 25.18 -11.11
CA LEU C 137 10.98 24.09 -10.21
C LEU C 137 10.96 22.74 -10.93
N HIS C 138 10.12 22.61 -11.96
CA HIS C 138 10.14 21.40 -12.78
C HIS C 138 11.43 21.30 -13.58
N ALA C 139 11.89 22.42 -14.14
CA ALA C 139 13.16 22.44 -14.86
C ALA C 139 14.33 22.14 -13.92
N PHE C 140 14.21 22.54 -12.65
CA PHE C 140 15.25 22.27 -11.67
C PHE C 140 15.21 20.86 -11.12
N ASP C 141 14.11 20.12 -11.36
CA ASP C 141 13.91 18.80 -10.76
C ASP C 141 13.99 18.88 -9.24
N TYR C 142 13.39 19.93 -8.68
CA TYR C 142 13.56 20.28 -7.28
C TYR C 142 12.49 19.59 -6.45
N GLY C 143 12.91 18.65 -5.60
CA GLY C 143 12.00 18.01 -4.66
C GLY C 143 10.84 17.33 -5.37
N ASN C 144 9.64 17.51 -4.82
CA ASN C 144 8.43 16.99 -5.44
C ASN C 144 7.80 17.96 -6.44
N GLU C 145 8.41 19.13 -6.63
CA GLU C 145 7.99 20.13 -7.61
C GLU C 145 6.55 20.60 -7.40
N ASP C 146 6.05 20.52 -6.17
CA ASP C 146 4.66 20.85 -5.85
C ASP C 146 4.63 22.19 -5.12
N ILE C 147 4.11 23.22 -5.80
CA ILE C 147 4.04 24.55 -5.22
C ILE C 147 2.65 24.84 -4.63
N SER C 148 1.90 23.81 -4.29
CA SER C 148 0.53 23.99 -3.81
C SER C 148 0.54 24.78 -2.50
N GLY C 149 -0.39 25.72 -2.39
CA GLY C 149 -0.47 26.61 -1.25
C GLY C 149 -0.39 28.06 -1.68
N ASN C 150 -0.11 28.95 -0.74
CA ASN C 150 0.12 30.35 -1.09
C ASN C 150 1.38 30.49 -1.92
N VAL C 151 1.30 31.28 -2.99
CA VAL C 151 2.44 31.47 -3.87
C VAL C 151 3.61 32.13 -3.15
N ASP C 152 3.31 32.79 -2.05
CA ASP C 152 4.33 33.43 -1.28
C ASP C 152 4.64 32.79 0.04
N SER C 153 4.26 31.55 0.24
CA SER C 153 4.59 30.85 1.45
C SER C 153 4.64 29.33 1.31
N PHE C 154 4.47 28.80 0.13
CA PHE C 154 4.43 27.37 -0.04
C PHE C 154 5.62 26.63 0.50
N TRP C 155 6.77 27.22 0.41
CA TRP C 155 7.97 26.57 0.95
C TRP C 155 8.03 26.64 2.46
N LEU C 156 7.11 27.37 3.11
CA LEU C 156 7.04 27.45 4.56
C LEU C 156 5.88 26.65 5.14
N ASP C 157 4.74 26.57 4.44
CA ASP C 157 3.61 25.79 4.93
C ASP C 157 2.76 25.22 3.81
N GLY C 158 3.30 25.04 2.62
CA GLY C 158 2.60 24.46 1.50
C GLY C 158 2.96 23.01 1.27
N GLY C 159 2.93 22.59 0.01
CA GLY C 159 3.11 21.21 -0.36
C GLY C 159 4.48 20.79 -0.84
N ILE C 160 5.42 21.73 -0.99
CA ILE C 160 6.73 21.38 -1.53
C ILE C 160 7.50 20.57 -0.49
N ARG C 161 8.12 19.49 -0.94
CA ARG C 161 8.89 18.60 -0.09
C ARG C 161 10.19 18.23 -0.79
N ILE C 162 11.29 18.25 -0.05
CA ILE C 162 12.60 17.88 -0.59
C ILE C 162 13.37 17.14 0.49
N SER C 163 14.13 16.12 0.07
CA SER C 163 14.95 15.33 0.98
C SER C 163 16.39 15.80 0.94
N ALA C 164 17.18 15.29 1.88
CA ALA C 164 18.59 15.65 1.93
C ALA C 164 19.33 15.20 0.67
N THR C 165 19.04 13.99 0.20
CA THR C 165 19.69 13.52 -1.02
C THR C 165 19.25 14.33 -2.23
N GLU C 166 17.99 14.77 -2.26
CA GLU C 166 17.53 15.60 -3.36
C GLU C 166 18.16 16.98 -3.32
N GLN C 167 18.48 17.48 -2.13
CA GLN C 167 19.21 18.76 -2.04
C GLN C 167 20.60 18.64 -2.62
N ILE C 168 21.28 17.52 -2.36
CA ILE C 168 22.60 17.29 -2.93
C ILE C 168 22.53 17.29 -4.45
N SER C 169 21.53 16.62 -5.02
CA SER C 169 21.38 16.59 -6.46
C SER C 169 21.20 17.99 -7.04
N PHE C 170 20.40 18.81 -6.36
CA PHE C 170 20.17 20.18 -6.84
C PHE C 170 21.44 21.02 -6.72
N LEU C 171 22.18 20.88 -5.61
CA LEU C 171 23.37 21.68 -5.41
C LEU C 171 24.48 21.29 -6.38
N ARG C 172 24.56 20.01 -6.75
CA ARG C 172 25.59 19.58 -7.70
C ARG C 172 25.40 20.25 -9.06
N LYS C 173 24.14 20.36 -9.50
CA LYS C 173 23.87 21.06 -10.76
C LYS C 173 24.22 22.53 -10.66
N LEU C 174 23.91 23.15 -9.51
CA LEU C 174 24.22 24.57 -9.32
C LEU C 174 25.73 24.80 -9.32
N TYR C 175 26.49 23.91 -8.67
CA TYR C 175 27.93 24.06 -8.64
C TYR C 175 28.52 24.00 -10.05
N HIS C 176 28.04 23.09 -10.87
CA HIS C 176 28.55 22.90 -12.22
C HIS C 176 27.85 23.79 -13.25
N ASN C 177 27.06 24.76 -12.80
CA ASN C 177 26.33 25.67 -13.69
C ASN C 177 25.45 24.89 -14.66
N LYS C 178 24.85 23.80 -14.17
CA LYS C 178 24.07 22.91 -15.01
C LYS C 178 22.57 23.16 -14.94
N LEU C 179 22.10 23.96 -13.99
CA LEU C 179 20.68 24.29 -13.93
C LEU C 179 20.27 25.09 -15.15
N HIS C 180 19.00 24.98 -15.51
CA HIS C 180 18.52 25.59 -16.75
C HIS C 180 18.17 27.06 -16.54
N VAL C 181 19.12 27.81 -15.99
CA VAL C 181 19.11 29.26 -15.95
C VAL C 181 20.46 29.75 -16.47
N SER C 182 20.60 31.08 -16.56
CA SER C 182 21.84 31.64 -17.06
C SER C 182 22.99 31.33 -16.10
N GLU C 183 24.20 31.23 -16.66
CA GLU C 183 25.38 31.04 -15.83
C GLU C 183 25.56 32.20 -14.86
N ARG C 184 25.28 33.41 -15.32
CA ARG C 184 25.42 34.60 -14.46
C ARG C 184 24.55 34.49 -13.21
N SER C 185 23.29 34.06 -13.40
CA SER C 185 22.40 33.89 -12.25
C SER C 185 22.99 32.90 -11.25
N GLN C 186 23.56 31.79 -11.75
CA GLN C 186 24.08 30.77 -10.86
C GLN C 186 25.34 31.25 -10.14
N ARG C 187 26.18 32.04 -10.82
CA ARG C 187 27.35 32.60 -10.17
C ARG C 187 26.97 33.59 -9.08
N ILE C 188 25.93 34.39 -9.31
CA ILE C 188 25.51 35.36 -8.31
C ILE C 188 24.96 34.66 -7.08
N VAL C 189 24.15 33.62 -7.27
CA VAL C 189 23.60 32.89 -6.14
C VAL C 189 24.70 32.18 -5.37
N LYS C 190 25.68 31.62 -6.07
CA LYS C 190 26.80 30.98 -5.39
C LYS C 190 27.65 32.00 -4.62
N GLN C 191 27.75 33.23 -5.15
CA GLN C 191 28.40 34.29 -4.38
C GLN C 191 27.61 34.60 -3.11
N ALA C 192 26.28 34.69 -3.23
CA ALA C 192 25.44 35.01 -2.08
C ALA C 192 25.38 33.86 -1.08
N MET C 193 25.71 32.64 -1.49
CA MET C 193 25.74 31.51 -0.57
C MET C 193 27.00 31.47 0.28
N LEU C 194 27.97 32.33 -0.01
CA LEU C 194 29.24 32.32 0.72
C LEU C 194 29.00 32.49 2.22
N THR C 195 29.47 31.52 2.99
CA THR C 195 29.26 31.49 4.43
C THR C 195 30.56 31.61 5.22
N GLU C 196 31.61 30.94 4.78
CA GLU C 196 32.88 30.93 5.50
C GLU C 196 34.00 30.63 4.52
N ALA C 197 35.16 31.25 4.73
CA ALA C 197 36.31 31.01 3.87
C ALA C 197 37.57 31.33 4.65
N ASN C 198 38.54 30.42 4.57
CA ASN C 198 39.86 30.64 5.15
C ASN C 198 40.89 29.97 4.25
N GLY C 199 42.12 29.85 4.75
CA GLY C 199 43.18 29.23 3.99
C GLY C 199 43.05 27.74 3.76
N ASP C 200 42.03 27.11 4.35
CA ASP C 200 41.86 25.66 4.22
C ASP C 200 40.64 25.24 3.42
N TYR C 201 39.55 26.02 3.45
CA TYR C 201 38.35 25.61 2.74
C TYR C 201 37.45 26.82 2.51
N ILE C 202 36.44 26.61 1.67
CA ILE C 202 35.37 27.57 1.43
C ILE C 202 34.05 26.83 1.61
N ILE C 203 33.13 27.42 2.38
CA ILE C 203 31.81 26.86 2.59
C ILE C 203 30.79 27.80 1.96
N ARG C 204 30.01 27.26 1.02
CA ARG C 204 28.86 27.96 0.44
C ARG C 204 27.62 27.15 0.83
N ALA C 205 26.78 27.73 1.67
CA ALA C 205 25.67 26.98 2.23
C ALA C 205 24.49 27.91 2.52
N LYS C 206 23.37 27.31 2.91
CA LYS C 206 22.18 28.04 3.30
C LYS C 206 21.49 27.31 4.43
N THR C 207 21.17 28.04 5.50
CA THR C 207 20.47 27.47 6.64
C THR C 207 18.97 27.43 6.37
N GLY C 208 18.26 26.68 7.21
CA GLY C 208 16.82 26.56 7.08
C GLY C 208 16.15 26.16 8.38
N TYR C 209 14.97 26.72 8.65
CA TYR C 209 14.23 26.46 9.87
C TYR C 209 12.75 26.37 9.51
N SER C 210 12.17 25.18 9.66
CA SER C 210 10.77 24.94 9.32
C SER C 210 9.99 24.69 10.61
N THR C 211 9.07 25.59 10.94
CA THR C 211 8.30 25.50 12.17
C THR C 211 6.80 25.54 11.96
N ARG C 212 6.30 25.99 10.80
CA ARG C 212 4.86 26.13 10.61
C ARG C 212 4.15 24.80 10.51
N ILE C 213 4.84 23.73 10.16
CA ILE C 213 4.24 22.40 10.00
C ILE C 213 5.15 21.38 10.67
N GLU C 214 4.56 20.52 11.50
CA GLU C 214 5.32 19.46 12.14
C GLU C 214 5.86 18.49 11.08
N PRO C 215 7.05 17.92 11.31
CA PRO C 215 7.90 18.15 12.47
C PRO C 215 8.80 19.38 12.31
N LYS C 216 9.11 20.05 13.43
CA LYS C 216 10.02 21.18 13.40
C LYS C 216 11.44 20.68 13.18
N ILE C 217 12.08 21.15 12.10
CA ILE C 217 13.42 20.72 11.73
C ILE C 217 14.25 21.92 11.32
N GLY C 218 15.56 21.75 11.41
CA GLY C 218 16.51 22.75 10.94
C GLY C 218 17.36 22.17 9.83
N TRP C 219 17.66 22.98 8.81
CA TRP C 219 18.42 22.56 7.65
C TRP C 219 19.80 23.20 7.65
N TRP C 220 20.72 22.54 6.93
CA TRP C 220 21.95 23.19 6.47
C TRP C 220 22.43 22.41 5.25
N VAL C 221 22.39 23.05 4.09
CA VAL C 221 22.76 22.41 2.83
C VAL C 221 23.79 23.29 2.12
N GLY C 222 24.73 22.67 1.44
CA GLY C 222 25.78 23.41 0.74
C GLY C 222 26.91 22.49 0.35
N TRP C 223 28.10 23.08 0.25
CA TRP C 223 29.29 22.29 -0.09
C TRP C 223 30.53 22.95 0.49
N VAL C 224 31.57 22.14 0.64
CA VAL C 224 32.88 22.59 1.13
C VAL C 224 33.85 22.50 -0.03
N GLU C 225 34.42 23.65 -0.40
CA GLU C 225 35.38 23.71 -1.50
C GLU C 225 36.79 23.56 -0.94
N LEU C 226 37.51 22.56 -1.44
CA LEU C 226 38.91 22.34 -1.11
C LEU C 226 39.78 22.65 -2.32
N ASP C 227 41.09 22.52 -2.14
CA ASP C 227 42.02 22.79 -3.23
C ASP C 227 41.76 21.89 -4.42
N ASP C 228 41.48 20.61 -4.18
CA ASP C 228 41.37 19.63 -5.25
C ASP C 228 40.11 18.77 -5.15
N ASN C 229 39.11 19.21 -4.39
CA ASN C 229 37.90 18.42 -4.25
C ASN C 229 36.77 19.31 -3.76
N VAL C 230 35.55 18.82 -3.92
CA VAL C 230 34.35 19.49 -3.43
C VAL C 230 33.50 18.46 -2.69
N TRP C 231 33.17 18.75 -1.44
CA TRP C 231 32.32 17.88 -0.62
C TRP C 231 30.97 18.56 -0.45
N PHE C 232 29.95 18.01 -1.10
CA PHE C 232 28.59 18.49 -0.91
C PHE C 232 28.02 17.92 0.38
N PHE C 233 27.17 18.70 1.04
CA PHE C 233 26.55 18.25 2.27
C PHE C 233 25.11 18.75 2.36
N ALA C 234 24.27 17.94 2.98
CA ALA C 234 22.89 18.29 3.26
C ALA C 234 22.50 17.62 4.57
N MET C 235 22.04 18.41 5.53
CA MET C 235 21.69 17.88 6.84
C MET C 235 20.37 18.50 7.30
N ASN C 236 19.63 17.72 8.08
CA ASN C 236 18.50 18.23 8.84
C ASN C 236 18.42 17.48 10.16
N MET C 237 17.73 18.08 11.11
CA MET C 237 17.67 17.53 12.46
C MET C 237 16.41 18.04 13.15
N ASP C 238 15.91 17.25 14.09
CA ASP C 238 14.78 17.67 14.90
C ASP C 238 15.14 18.92 15.68
N MET C 239 14.28 19.93 15.62
CA MET C 239 14.52 21.22 16.26
C MET C 239 13.28 21.62 17.04
N PRO C 240 13.08 21.04 18.23
CA PRO C 240 11.90 21.40 19.03
C PRO C 240 11.96 22.82 19.58
N THR C 241 13.13 23.44 19.61
CA THR C 241 13.26 24.82 20.06
C THR C 241 14.41 25.48 19.31
N SER C 242 14.35 26.80 19.21
CA SER C 242 15.40 27.57 18.55
C SER C 242 16.71 27.58 19.33
N ASP C 243 16.75 26.97 20.51
CA ASP C 243 17.96 26.98 21.32
C ASP C 243 19.08 26.18 20.68
N GLY C 244 18.74 25.18 19.87
CA GLY C 244 19.75 24.31 19.28
C GLY C 244 20.01 24.57 17.81
N LEU C 245 19.67 25.77 17.34
CA LEU C 245 19.88 26.09 15.93
C LEU C 245 21.35 26.02 15.56
N GLY C 246 22.24 26.43 16.48
CA GLY C 246 23.66 26.38 16.23
C GLY C 246 24.21 24.98 16.05
N LEU C 247 23.44 23.95 16.44
CA LEU C 247 23.88 22.57 16.24
C LEU C 247 23.85 22.16 14.78
N ARG C 248 23.13 22.89 13.93
CA ARG C 248 23.11 22.58 12.51
C ARG C 248 24.51 22.65 11.92
N GLN C 249 25.25 23.71 12.24
CA GLN C 249 26.62 23.85 11.74
C GLN C 249 27.60 23.07 12.60
N ALA C 250 27.38 23.02 13.91
CA ALA C 250 28.32 22.35 14.81
C ALA C 250 28.39 20.86 14.52
N ILE C 251 27.23 20.22 14.37
CA ILE C 251 27.22 18.78 14.09
C ILE C 251 27.80 18.49 12.72
N THR C 252 27.45 19.31 11.72
CA THR C 252 27.98 19.11 10.38
C THR C 252 29.51 19.24 10.36
N LYS C 253 30.03 20.25 11.06
CA LYS C 253 31.48 20.43 11.11
C LYS C 253 32.16 19.31 11.89
N GLU C 254 31.50 18.78 12.92
CA GLU C 254 32.05 17.64 13.65
C GLU C 254 32.20 16.43 12.73
N VAL C 255 31.24 16.23 11.83
CA VAL C 255 31.35 15.14 10.86
C VAL C 255 32.46 15.43 9.85
N LEU C 256 32.55 16.68 9.39
CA LEU C 256 33.59 17.05 8.44
C LEU C 256 34.98 16.90 9.05
N LYS C 257 35.11 17.20 10.35
CA LYS C 257 36.41 17.07 11.00
C LYS C 257 36.79 15.61 11.20
N GLN C 258 35.80 14.77 11.55
CA GLN C 258 36.08 13.35 11.74
C GLN C 258 36.49 12.69 10.42
N GLU C 259 35.86 13.09 9.32
CA GLU C 259 36.20 12.57 8.01
C GLU C 259 37.43 13.24 7.40
N LYS C 260 38.11 14.09 8.17
CA LYS C 260 39.35 14.76 7.73
C LYS C 260 39.12 15.64 6.50
N ILE C 261 37.90 16.16 6.35
CA ILE C 261 37.63 17.08 5.24
C ILE C 261 38.08 18.49 5.59
N ILE C 262 37.80 18.94 6.81
CA ILE C 262 38.29 20.22 7.30
C ILE C 262 39.17 19.96 8.51
N PRO C 263 40.21 20.79 8.76
CA PRO C 263 41.10 20.58 9.90
C PRO C 263 40.40 20.76 11.24
N PHE D 20 -52.74 13.89 20.23
CA PHE D 20 -52.23 15.03 19.46
C PHE D 20 -50.73 15.21 19.66
N GLN D 21 -50.18 14.50 20.64
CA GLN D 21 -48.77 14.60 20.97
C GLN D 21 -48.12 13.23 20.83
N GLY D 22 -47.09 13.15 20.00
CA GLY D 22 -46.42 11.90 19.70
C GLY D 22 -45.79 11.94 18.32
N TRP D 23 -46.12 10.98 17.48
CA TRP D 23 -45.63 10.95 16.11
C TRP D 23 -46.79 10.82 15.14
N GLN D 24 -46.71 11.55 14.02
CA GLN D 24 -47.70 11.46 12.96
C GLN D 24 -46.97 11.19 11.65
N GLU D 25 -47.40 10.15 10.93
CA GLU D 25 -46.80 9.80 9.64
C GLU D 25 -47.68 10.35 8.53
N ASN D 26 -47.10 11.19 7.69
CA ASN D 26 -47.79 11.79 6.54
C ASN D 26 -47.03 11.39 5.29
N LYS D 27 -47.62 10.48 4.50
CA LYS D 27 -46.99 10.00 3.27
C LYS D 27 -47.11 10.99 2.13
N SER D 28 -47.74 12.15 2.32
CA SER D 28 -47.78 13.13 1.25
C SER D 28 -46.42 13.77 1.01
N TRP D 29 -45.57 13.80 2.04
CA TRP D 29 -44.22 14.32 1.86
C TRP D 29 -43.38 13.47 0.93
N ASN D 30 -43.76 12.20 0.73
CA ASN D 30 -43.05 11.34 -0.21
C ASN D 30 -43.03 11.92 -1.63
N ALA D 31 -44.01 12.77 -1.96
CA ALA D 31 -44.00 13.42 -3.27
C ALA D 31 -42.73 14.24 -3.48
N HIS D 32 -42.31 14.98 -2.45
CA HIS D 32 -41.10 15.78 -2.56
C HIS D 32 -39.88 14.95 -2.88
N PHE D 33 -39.89 13.66 -2.51
CA PHE D 33 -38.81 12.76 -2.88
C PHE D 33 -39.01 12.21 -4.29
N THR D 34 -40.24 11.84 -4.64
CA THR D 34 -40.48 11.17 -5.91
C THR D 34 -40.39 12.13 -7.10
N GLU D 35 -40.80 13.39 -6.91
CA GLU D 35 -40.68 14.36 -8.00
C GLU D 35 -39.22 14.63 -8.37
N HIS D 36 -38.28 14.29 -7.49
CA HIS D 36 -36.85 14.43 -7.76
C HIS D 36 -36.17 13.09 -7.96
N LYS D 37 -36.95 12.02 -8.20
CA LYS D 37 -36.42 10.68 -8.42
C LYS D 37 -35.57 10.21 -7.25
N SER D 38 -35.99 10.56 -6.04
CA SER D 38 -35.22 10.31 -4.83
C SER D 38 -36.05 9.48 -3.85
N GLN D 39 -35.34 8.93 -2.86
CA GLN D 39 -35.96 8.19 -1.76
C GLN D 39 -35.26 8.55 -0.47
N GLY D 40 -36.02 8.79 0.58
CA GLY D 40 -35.44 9.16 1.85
C GLY D 40 -36.51 9.40 2.89
N VAL D 41 -36.12 10.14 3.93
CA VAL D 41 -37.01 10.43 5.05
C VAL D 41 -36.73 11.84 5.56
N VAL D 42 -37.79 12.55 5.91
CA VAL D 42 -37.69 13.83 6.60
C VAL D 42 -38.43 13.69 7.93
N VAL D 43 -37.79 14.10 9.01
CA VAL D 43 -38.39 14.08 10.34
C VAL D 43 -38.41 15.51 10.87
N LEU D 44 -39.58 15.97 11.29
CA LEU D 44 -39.74 17.28 11.88
C LEU D 44 -40.24 17.14 13.31
N TRP D 45 -39.79 18.03 14.18
CA TRP D 45 -40.23 18.04 15.58
C TRP D 45 -40.64 19.45 15.95
N ASN D 46 -41.92 19.62 16.30
CA ASN D 46 -42.44 20.89 16.79
C ASN D 46 -42.13 20.98 18.28
N GLU D 47 -41.23 21.88 18.65
CA GLU D 47 -40.80 21.96 20.04
C GLU D 47 -41.91 22.50 20.94
N ASN D 48 -42.66 23.51 20.46
CA ASN D 48 -43.72 24.10 21.27
C ASN D 48 -44.82 23.08 21.56
N LYS D 49 -45.28 22.38 20.53
CA LYS D 49 -46.38 21.43 20.66
C LYS D 49 -45.91 20.02 20.97
N GLN D 50 -44.60 19.76 20.95
CA GLN D 50 -44.05 18.43 21.24
C GLN D 50 -44.65 17.36 20.34
N GLN D 51 -44.80 17.69 19.06
CA GLN D 51 -45.33 16.77 18.06
C GLN D 51 -44.28 16.51 16.99
N GLY D 52 -44.17 15.24 16.58
CA GLY D 52 -43.25 14.84 15.54
C GLY D 52 -43.99 14.47 14.28
N PHE D 53 -43.34 14.73 13.13
CA PHE D 53 -43.92 14.43 11.83
C PHE D 53 -42.86 13.82 10.94
N THR D 54 -43.24 12.82 10.16
CA THR D 54 -42.32 12.19 9.23
C THR D 54 -43.09 11.54 8.10
N ASN D 55 -42.40 11.33 6.99
CA ASN D 55 -42.95 10.65 5.82
C ASN D 55 -42.59 9.17 5.77
N ASN D 56 -42.03 8.63 6.85
CA ASN D 56 -41.64 7.23 6.91
C ASN D 56 -41.21 6.88 8.32
N LEU D 57 -42.15 6.38 9.13
CA LEU D 57 -41.82 6.06 10.51
C LEU D 57 -40.75 5.00 10.62
N LYS D 58 -40.71 4.05 9.68
CA LYS D 58 -39.69 3.01 9.73
C LYS D 58 -38.31 3.59 9.42
N ARG D 59 -38.16 4.26 8.28
CA ARG D 59 -36.85 4.84 7.94
C ARG D 59 -36.46 5.93 8.93
N ALA D 60 -37.43 6.57 9.57
CA ALA D 60 -37.11 7.57 10.58
C ALA D 60 -36.36 6.97 11.76
N ASN D 61 -36.58 5.69 12.04
CA ASN D 61 -35.94 5.00 13.15
C ASN D 61 -34.87 4.02 12.70
N GLN D 62 -34.47 4.05 11.44
CA GLN D 62 -33.39 3.22 10.94
C GLN D 62 -32.07 3.97 11.08
N ALA D 63 -31.07 3.29 11.64
CA ALA D 63 -29.80 3.92 11.96
C ALA D 63 -28.82 3.80 10.80
N PHE D 64 -28.12 4.88 10.51
CA PHE D 64 -27.11 4.93 9.47
C PHE D 64 -25.83 5.51 10.03
N LEU D 65 -24.75 5.38 9.26
CA LEU D 65 -23.50 6.02 9.63
C LEU D 65 -23.71 7.53 9.68
N PRO D 66 -23.30 8.19 10.77
CA PRO D 66 -23.56 9.64 10.87
C PRO D 66 -22.73 10.45 9.89
N ALA D 67 -21.56 9.96 9.49
CA ALA D 67 -20.66 10.65 8.55
C ALA D 67 -20.35 12.02 9.14
N SER D 68 -20.45 13.10 8.37
CA SER D 68 -20.02 14.42 8.82
C SER D 68 -20.95 15.04 9.85
N THR D 69 -22.14 14.49 10.07
CA THR D 69 -22.97 14.98 11.17
C THR D 69 -22.34 14.67 12.53
N PHE D 70 -21.42 13.71 12.59
CA PHE D 70 -20.67 13.45 13.81
C PHE D 70 -19.76 14.60 14.19
N LYS D 71 -19.58 15.58 13.31
CA LYS D 71 -18.78 16.75 13.67
C LYS D 71 -19.42 17.55 14.79
N ILE D 72 -20.73 17.43 14.99
CA ILE D 72 -21.41 18.15 16.06
C ILE D 72 -20.99 17.61 17.41
N PRO D 73 -21.12 16.31 17.71
CA PRO D 73 -20.62 15.82 19.00
C PRO D 73 -19.10 15.84 19.09
N ASN D 74 -18.40 15.63 17.97
CA ASN D 74 -16.96 15.75 17.97
C ASN D 74 -16.53 17.17 18.33
N SER D 75 -17.27 18.17 17.84
CA SER D 75 -16.96 19.55 18.21
C SER D 75 -17.13 19.77 19.70
N LEU D 76 -18.17 19.20 20.30
CA LEU D 76 -18.47 19.44 21.71
C LEU D 76 -17.40 18.82 22.61
N ILE D 77 -17.00 17.59 22.32
CA ILE D 77 -16.01 16.92 23.15
C ILE D 77 -14.65 17.60 23.03
N ALA D 78 -14.26 17.97 21.80
CA ALA D 78 -12.97 18.62 21.59
C ALA D 78 -12.90 19.96 22.32
N LEU D 79 -14.00 20.72 22.31
CA LEU D 79 -14.03 21.99 23.02
C LEU D 79 -14.03 21.78 24.53
N ASP D 80 -14.81 20.81 25.02
CA ASP D 80 -14.94 20.60 26.45
C ASP D 80 -13.66 20.05 27.06
N LEU D 81 -12.92 19.23 26.31
CA LEU D 81 -11.68 18.63 26.80
C LEU D 81 -10.46 19.51 26.58
N GLY D 82 -10.65 20.70 26.00
CA GLY D 82 -9.53 21.60 25.78
C GLY D 82 -8.73 21.36 24.53
N VAL D 83 -9.12 20.40 23.70
CA VAL D 83 -8.42 20.17 22.44
C VAL D 83 -8.56 21.38 21.53
N VAL D 84 -9.75 21.98 21.49
CA VAL D 84 -10.00 23.22 20.77
C VAL D 84 -10.25 24.30 21.81
N LYS D 85 -9.43 25.37 21.76
CA LYS D 85 -9.56 26.43 22.74
C LYS D 85 -10.80 27.28 22.50
N ASP D 86 -11.00 27.73 21.26
CA ASP D 86 -12.18 28.50 20.91
C ASP D 86 -12.41 28.38 19.41
N GLU D 87 -13.43 29.09 18.92
CA GLU D 87 -13.79 29.05 17.51
C GLU D 87 -12.83 29.79 16.60
N HIS D 88 -11.80 30.44 17.16
CA HIS D 88 -10.84 31.20 16.37
C HIS D 88 -9.49 30.49 16.22
N GLN D 89 -9.24 29.44 17.00
CA GLN D 89 -7.97 28.74 16.91
C GLN D 89 -7.77 28.15 15.52
N VAL D 90 -6.58 28.36 14.96
CA VAL D 90 -6.29 27.96 13.59
C VAL D 90 -5.70 26.56 13.60
N PHE D 91 -6.24 25.69 12.75
CA PHE D 91 -5.71 24.34 12.54
C PHE D 91 -5.01 24.34 11.18
N LYS D 92 -3.69 24.20 11.21
CA LYS D 92 -2.89 24.40 10.01
C LYS D 92 -3.07 23.25 9.02
N TRP D 93 -3.16 23.60 7.75
CA TRP D 93 -3.15 22.59 6.68
C TRP D 93 -1.80 21.87 6.68
N ASP D 94 -1.84 20.55 6.50
CA ASP D 94 -0.63 19.74 6.54
C ASP D 94 0.09 19.68 5.20
N GLY D 95 -0.25 20.56 4.27
CA GLY D 95 0.41 20.58 2.98
C GLY D 95 0.10 19.42 2.06
N GLN D 96 -0.82 18.53 2.45
CA GLN D 96 -1.19 17.38 1.64
C GLN D 96 -2.47 17.67 0.88
N THR D 97 -2.38 17.70 -0.45
CA THR D 97 -3.53 18.03 -1.27
C THR D 97 -4.54 16.88 -1.28
N ARG D 98 -5.79 17.19 -0.97
CA ARG D 98 -6.87 16.22 -0.97
C ARG D 98 -7.92 16.62 -2.00
N ASP D 99 -8.87 15.71 -2.22
CA ASP D 99 -9.81 15.88 -3.34
C ASP D 99 -10.73 17.08 -3.14
N ILE D 100 -11.12 17.38 -1.91
CA ILE D 100 -11.94 18.55 -1.63
C ILE D 100 -11.03 19.76 -1.58
N ALA D 101 -11.19 20.68 -2.55
CA ALA D 101 -10.28 21.81 -2.68
C ALA D 101 -10.31 22.71 -1.44
N THR D 102 -11.48 22.87 -0.84
CA THR D 102 -11.59 23.73 0.34
C THR D 102 -10.89 23.16 1.57
N TRP D 103 -10.54 21.87 1.54
CA TRP D 103 -9.79 21.28 2.66
C TRP D 103 -8.32 21.66 2.66
N ASN D 104 -7.77 22.10 1.53
CA ASN D 104 -6.34 22.31 1.39
C ASN D 104 -5.97 23.75 1.75
N ARG D 105 -6.28 24.11 3.00
CA ARG D 105 -6.02 25.44 3.52
C ARG D 105 -6.17 25.40 5.03
N ASP D 106 -5.82 26.51 5.67
CA ASP D 106 -6.01 26.62 7.11
C ASP D 106 -7.48 26.78 7.46
N HIS D 107 -7.83 26.38 8.67
CA HIS D 107 -9.23 26.42 9.11
C HIS D 107 -9.30 26.72 10.59
N ASN D 108 -10.44 27.25 11.01
CA ASN D 108 -10.84 27.29 12.41
C ASN D 108 -12.05 26.39 12.58
N LEU D 109 -12.66 26.40 13.77
CA LEU D 109 -13.82 25.56 14.01
C LEU D 109 -14.98 25.96 13.12
N ILE D 110 -15.13 27.25 12.84
CA ILE D 110 -16.24 27.72 12.03
C ILE D 110 -16.12 27.21 10.59
N THR D 111 -14.95 27.39 9.98
CA THR D 111 -14.78 26.99 8.59
C THR D 111 -14.62 25.48 8.44
N ALA D 112 -14.09 24.79 9.45
CA ALA D 112 -14.01 23.34 9.40
C ALA D 112 -15.39 22.71 9.41
N MET D 113 -16.35 23.34 10.09
CA MET D 113 -17.73 22.87 10.05
C MET D 113 -18.36 23.19 8.71
N LYS D 114 -18.18 24.43 8.24
CA LYS D 114 -18.82 24.88 7.00
C LYS D 114 -18.42 24.02 5.82
N TYR D 115 -17.14 23.66 5.73
CA TYR D 115 -16.63 22.89 4.60
C TYR D 115 -16.43 21.42 4.92
N SER D 116 -16.81 20.98 6.13
CA SER D 116 -16.76 19.56 6.51
C SER D 116 -15.37 18.98 6.33
N VAL D 117 -14.37 19.64 6.91
CA VAL D 117 -12.98 19.26 6.76
C VAL D 117 -12.67 18.04 7.63
N VAL D 118 -12.80 16.85 7.05
CA VAL D 118 -12.61 15.61 7.82
C VAL D 118 -11.22 15.50 8.45
N PRO D 119 -10.13 15.76 7.73
CA PRO D 119 -8.81 15.59 8.36
C PRO D 119 -8.60 16.46 9.59
N VAL D 120 -9.26 17.61 9.69
CA VAL D 120 -9.18 18.41 10.90
C VAL D 120 -9.84 17.67 12.06
N TYR D 121 -11.01 17.06 11.82
CA TYR D 121 -11.73 16.40 12.89
C TYR D 121 -11.15 15.02 13.19
N GLN D 122 -10.53 14.36 12.21
CA GLN D 122 -9.81 13.12 12.50
C GLN D 122 -8.70 13.37 13.50
N GLU D 123 -8.02 14.52 13.40
CA GLU D 123 -7.01 14.87 14.39
C GLU D 123 -7.65 15.16 15.75
N PHE D 124 -8.84 15.76 15.75
CA PHE D 124 -9.56 15.98 17.01
C PHE D 124 -9.79 14.66 17.74
N ALA D 125 -10.30 13.66 17.02
CA ALA D 125 -10.62 12.38 17.65
C ALA D 125 -9.37 11.67 18.17
N ARG D 126 -8.25 11.80 17.46
CA ARG D 126 -7.01 11.17 17.92
C ARG D 126 -6.53 11.78 19.22
N GLN D 127 -6.66 13.10 19.38
CA GLN D 127 -6.27 13.74 20.62
C GLN D 127 -7.29 13.49 21.73
N ILE D 128 -8.56 13.31 21.37
CA ILE D 128 -9.57 12.96 22.36
C ILE D 128 -9.29 11.58 22.94
N GLY D 129 -8.94 10.62 22.08
CA GLY D 129 -8.67 9.27 22.52
C GLY D 129 -9.91 8.39 22.46
N GLU D 130 -9.67 7.10 22.29
CA GLU D 130 -10.77 6.15 22.17
C GLU D 130 -11.56 6.05 23.48
N ALA D 131 -10.88 6.14 24.62
CA ALA D 131 -11.54 6.02 25.91
C ALA D 131 -12.47 7.21 26.16
N ARG D 132 -11.92 8.43 26.13
CA ARG D 132 -12.72 9.62 26.43
C ARG D 132 -13.83 9.81 25.41
N MET D 133 -13.59 9.46 24.14
CA MET D 133 -14.62 9.59 23.13
C MET D 133 -15.81 8.69 23.43
N SER D 134 -15.54 7.43 23.78
CA SER D 134 -16.63 6.49 24.04
C SER D 134 -17.43 6.89 25.26
N LYS D 135 -16.75 7.37 26.31
CA LYS D 135 -17.46 7.79 27.51
C LYS D 135 -18.31 9.03 27.27
N MET D 136 -17.84 9.95 26.43
CA MET D 136 -18.61 11.15 26.14
C MET D 136 -19.83 10.82 25.26
N LEU D 137 -19.67 9.91 24.31
CA LEU D 137 -20.81 9.48 23.50
C LEU D 137 -21.85 8.76 24.34
N HIS D 138 -21.41 8.04 25.38
N HIS D 138 -21.40 8.04 25.38
CA HIS D 138 -22.36 7.42 26.30
CA HIS D 138 -22.35 7.42 26.31
C HIS D 138 -23.10 8.48 27.12
C HIS D 138 -23.09 8.47 27.10
N ALA D 139 -22.39 9.54 27.53
CA ALA D 139 -23.05 10.62 28.25
C ALA D 139 -24.00 11.39 27.36
N PHE D 140 -23.72 11.46 26.07
CA PHE D 140 -24.61 12.10 25.10
C PHE D 140 -25.79 11.22 24.72
N ASP D 141 -25.73 9.92 25.00
CA ASP D 141 -26.72 8.95 24.53
C ASP D 141 -26.85 9.03 23.01
N TYR D 142 -25.70 9.04 22.34
CA TYR D 142 -25.61 9.36 20.92
C TYR D 142 -25.58 8.09 20.09
N GLY D 143 -26.47 8.03 19.09
CA GLY D 143 -26.49 6.95 18.12
C GLY D 143 -26.70 5.58 18.72
N ASN D 144 -25.65 4.75 18.69
CA ASN D 144 -25.62 3.51 19.45
C ASN D 144 -24.47 3.50 20.45
N GLU D 145 -23.81 4.63 20.58
CA GLU D 145 -22.73 4.80 21.53
C GLU D 145 -21.64 3.78 21.29
N ASP D 146 -21.49 3.33 20.06
CA ASP D 146 -20.54 2.28 19.78
C ASP D 146 -19.48 2.76 18.86
N ILE D 147 -18.25 2.79 19.33
CA ILE D 147 -17.15 3.23 18.52
C ILE D 147 -16.98 2.15 17.49
N SER D 148 -16.10 1.19 17.76
CA SER D 148 -15.78 0.07 16.88
C SER D 148 -15.19 0.48 15.53
N GLY D 149 -13.88 0.44 15.48
CA GLY D 149 -13.10 0.82 14.32
C GLY D 149 -11.98 1.74 14.75
N ASN D 150 -11.46 2.48 13.80
CA ASN D 150 -10.42 3.44 14.12
C ASN D 150 -11.03 4.60 14.86
N VAL D 151 -10.32 5.06 15.87
CA VAL D 151 -10.77 6.19 16.66
C VAL D 151 -10.88 7.45 15.80
N ASP D 152 -10.16 7.48 14.67
CA ASP D 152 -10.21 8.61 13.76
C ASP D 152 -11.01 8.31 12.49
N SER D 153 -11.89 7.32 12.52
CA SER D 153 -12.64 6.97 11.33
C SER D 153 -13.88 6.12 11.61
N PHE D 154 -14.21 5.89 12.88
CA PHE D 154 -15.35 5.02 13.18
C PHE D 154 -16.66 5.62 12.71
N TRP D 155 -16.75 6.94 12.60
CA TRP D 155 -17.96 7.56 12.07
C TRP D 155 -17.97 7.61 10.54
N LEU D 156 -16.87 7.22 9.89
CA LEU D 156 -16.80 7.14 8.44
C LEU D 156 -17.20 5.76 7.94
N ASP D 157 -16.54 4.72 8.44
CA ASP D 157 -16.82 3.35 8.01
C ASP D 157 -16.85 2.36 9.18
N GLY D 158 -16.91 2.84 10.41
CA GLY D 158 -16.89 1.97 11.57
C GLY D 158 -18.26 1.48 11.98
N GLY D 159 -18.49 1.38 13.29
CA GLY D 159 -19.69 0.73 13.79
C GLY D 159 -20.72 1.63 14.45
N ILE D 160 -20.50 2.94 14.46
CA ILE D 160 -21.47 3.84 15.07
C ILE D 160 -22.58 4.14 14.07
N ARG D 161 -23.82 4.06 14.53
CA ARG D 161 -25.00 4.28 13.71
C ARG D 161 -25.97 5.16 14.47
N ILE D 162 -26.73 5.98 13.74
CA ILE D 162 -27.72 6.85 14.36
C ILE D 162 -28.89 7.01 13.40
N SER D 163 -30.09 7.10 13.96
CA SER D 163 -31.31 7.30 13.19
C SER D 163 -31.69 8.78 13.20
N ALA D 164 -32.64 9.12 12.34
CA ALA D 164 -33.09 10.51 12.25
C ALA D 164 -33.75 10.95 13.56
N THR D 165 -34.55 10.08 14.16
CA THR D 165 -35.18 10.43 15.43
C THR D 165 -34.16 10.55 16.55
N GLU D 166 -33.11 9.72 16.53
CA GLU D 166 -32.05 9.84 17.53
C GLU D 166 -31.23 11.11 17.31
N GLN D 167 -31.09 11.57 16.06
CA GLN D 167 -30.46 12.86 15.82
C GLN D 167 -31.29 13.99 16.39
N ILE D 168 -32.62 13.91 16.26
CA ILE D 168 -33.50 14.93 16.81
C ILE D 168 -33.35 15.01 18.32
N SER D 169 -33.34 13.86 18.99
CA SER D 169 -33.24 13.84 20.45
C SER D 169 -31.90 14.42 20.91
N PHE D 170 -30.82 14.14 20.18
CA PHE D 170 -29.52 14.70 20.52
C PHE D 170 -29.50 16.20 20.30
N LEU D 171 -30.10 16.66 19.20
CA LEU D 171 -30.10 18.09 18.89
C LEU D 171 -30.96 18.88 19.86
N ARG D 172 -32.04 18.27 20.37
CA ARG D 172 -32.89 18.96 21.34
C ARG D 172 -32.15 19.21 22.64
N LYS D 173 -31.30 18.26 23.06
CA LYS D 173 -30.48 18.48 24.24
C LYS D 173 -29.47 19.59 24.00
N LEU D 174 -28.89 19.64 22.80
CA LEU D 174 -27.91 20.69 22.49
C LEU D 174 -28.56 22.07 22.48
N TYR D 175 -29.77 22.18 21.93
CA TYR D 175 -30.46 23.46 21.90
C TYR D 175 -30.75 23.96 23.31
N HIS D 176 -31.13 23.07 24.21
CA HIS D 176 -31.48 23.43 25.57
C HIS D 176 -30.27 23.43 26.51
N ASN D 177 -29.06 23.26 25.98
CA ASN D 177 -27.83 23.26 26.78
C ASN D 177 -27.87 22.18 27.86
N LYS D 178 -28.51 21.06 27.56
CA LYS D 178 -28.67 19.98 28.53
C LYS D 178 -27.71 18.82 28.32
N LEU D 179 -26.82 18.92 27.34
CA LEU D 179 -25.80 17.88 27.18
C LEU D 179 -24.76 17.98 28.30
N HIS D 180 -24.11 16.85 28.57
CA HIS D 180 -23.19 16.77 29.70
C HIS D 180 -21.83 17.38 29.39
N VAL D 181 -21.83 18.61 28.87
CA VAL D 181 -20.62 19.41 28.67
C VAL D 181 -20.93 20.85 29.06
N SER D 182 -19.92 21.70 28.99
CA SER D 182 -20.09 23.09 29.38
C SER D 182 -21.15 23.77 28.53
N GLU D 183 -21.82 24.76 29.12
CA GLU D 183 -22.70 25.62 28.34
C GLU D 183 -21.92 26.35 27.26
N ARG D 184 -20.69 26.75 27.57
CA ARG D 184 -19.85 27.45 26.60
C ARG D 184 -19.57 26.57 25.38
N SER D 185 -19.26 25.29 25.61
CA SER D 185 -19.03 24.38 24.49
C SER D 185 -20.26 24.28 23.60
N GLN D 186 -21.44 24.17 24.22
CA GLN D 186 -22.66 24.03 23.45
C GLN D 186 -23.00 25.32 22.72
N ARG D 187 -22.72 26.48 23.35
CA ARG D 187 -22.95 27.75 22.68
C ARG D 187 -22.03 27.93 21.48
N ILE D 188 -20.77 27.52 21.62
CA ILE D 188 -19.82 27.67 20.52
C ILE D 188 -20.19 26.76 19.36
N VAL D 189 -20.58 25.52 19.65
CA VAL D 189 -20.95 24.59 18.59
C VAL D 189 -22.20 25.06 17.87
N LYS D 190 -23.17 25.60 18.62
CA LYS D 190 -24.37 26.13 17.98
C LYS D 190 -24.04 27.33 17.10
N GLN D 191 -23.06 28.14 17.49
CA GLN D 191 -22.60 29.21 16.61
C GLN D 191 -21.96 28.65 15.35
N ALA D 192 -21.17 27.58 15.49
CA ALA D 192 -20.53 26.96 14.33
C ALA D 192 -21.52 26.26 13.42
N MET D 193 -22.70 25.90 13.93
CA MET D 193 -23.72 25.26 13.10
C MET D 193 -24.52 26.23 12.27
N LEU D 194 -24.33 27.54 12.47
CA LEU D 194 -25.08 28.54 11.72
C LEU D 194 -24.89 28.33 10.22
N THR D 195 -26.01 28.18 9.52
CA THR D 195 -26.01 27.93 8.08
C THR D 195 -26.72 29.02 7.29
N GLU D 196 -27.86 29.51 7.78
CA GLU D 196 -28.63 30.51 7.08
C GLU D 196 -29.39 31.34 8.11
N ALA D 197 -29.57 32.62 7.80
CA ALA D 197 -30.32 33.51 8.68
C ALA D 197 -30.84 34.69 7.88
N ASN D 198 -32.10 35.05 8.11
CA ASN D 198 -32.71 36.21 7.49
C ASN D 198 -33.78 36.75 8.44
N GLY D 199 -34.62 37.64 7.94
CA GLY D 199 -35.68 38.21 8.75
C GLY D 199 -36.81 37.26 9.09
N ASP D 200 -36.80 36.06 8.52
CA ASP D 200 -37.87 35.08 8.74
C ASP D 200 -37.46 33.92 9.63
N TYR D 201 -36.21 33.46 9.56
CA TYR D 201 -35.82 32.27 10.30
C TYR D 201 -34.30 32.21 10.42
N ILE D 202 -33.85 31.35 11.33
CA ILE D 202 -32.44 31.00 11.49
C ILE D 202 -32.32 29.49 11.37
N ILE D 203 -31.37 29.02 10.57
CA ILE D 203 -31.12 27.60 10.40
C ILE D 203 -29.73 27.29 10.93
N ARG D 204 -29.67 26.43 11.94
CA ARG D 204 -28.42 25.86 12.45
C ARG D 204 -28.44 24.37 12.12
N ALA D 205 -27.50 23.92 11.32
CA ALA D 205 -27.58 22.56 10.78
C ALA D 205 -26.18 22.07 10.41
N LYS D 206 -26.11 20.79 10.03
CA LYS D 206 -24.87 20.18 9.58
C LYS D 206 -25.20 19.12 8.54
N THR D 207 -24.48 19.15 7.42
CA THR D 207 -24.66 18.17 6.35
C THR D 207 -23.82 16.93 6.61
N GLY D 208 -24.15 15.86 5.90
CA GLY D 208 -23.40 14.62 5.98
C GLY D 208 -23.51 13.86 4.68
N TYR D 209 -22.46 13.10 4.37
CA TYR D 209 -22.42 12.29 3.16
C TYR D 209 -21.69 10.99 3.47
N SER D 210 -22.41 9.87 3.42
CA SER D 210 -21.87 8.55 3.72
C SER D 210 -21.71 7.77 2.42
N THR D 211 -20.48 7.36 2.12
CA THR D 211 -20.19 6.68 0.86
C THR D 211 -19.41 5.38 1.00
N ARG D 212 -18.82 5.10 2.16
CA ARG D 212 -17.94 3.95 2.29
C ARG D 212 -18.68 2.63 2.46
N ILE D 213 -19.94 2.67 2.90
CA ILE D 213 -20.75 1.47 3.09
C ILE D 213 -22.15 1.75 2.57
N GLU D 214 -22.69 0.80 1.80
CA GLU D 214 -24.05 0.94 1.30
C GLU D 214 -25.05 0.85 2.46
N PRO D 215 -26.16 1.60 2.38
CA PRO D 215 -26.51 2.49 1.27
C PRO D 215 -25.85 3.86 1.36
N LYS D 216 -25.38 4.38 0.23
CA LYS D 216 -24.85 5.73 0.18
C LYS D 216 -25.98 6.72 0.44
N ILE D 217 -25.82 7.55 1.47
CA ILE D 217 -26.87 8.47 1.89
C ILE D 217 -26.29 9.84 2.16
N GLY D 218 -27.16 10.84 2.08
CA GLY D 218 -26.83 12.21 2.48
C GLY D 218 -27.68 12.62 3.66
N TRP D 219 -27.08 13.35 4.59
CA TRP D 219 -27.73 13.82 5.80
C TRP D 219 -27.97 15.32 5.74
N TRP D 220 -28.95 15.77 6.53
CA TRP D 220 -29.04 17.18 6.91
C TRP D 220 -29.84 17.22 8.21
N VAL D 221 -29.19 17.58 9.31
CA VAL D 221 -29.81 17.61 10.62
C VAL D 221 -29.57 18.99 11.24
N GLY D 222 -30.52 19.43 12.04
CA GLY D 222 -30.43 20.73 12.69
C GLY D 222 -31.81 21.19 13.15
N TRP D 223 -31.98 22.51 13.19
CA TRP D 223 -33.27 23.07 13.57
C TRP D 223 -33.46 24.43 12.90
N VAL D 224 -34.72 24.85 12.84
CA VAL D 224 -35.12 26.14 12.29
C VAL D 224 -35.65 26.98 13.44
N GLU D 225 -34.97 28.09 13.73
CA GLU D 225 -35.37 28.98 14.81
C GLU D 225 -36.36 30.01 14.28
N LEU D 226 -37.55 30.05 14.87
CA LEU D 226 -38.56 31.05 14.57
C LEU D 226 -38.68 32.01 15.74
N ASP D 227 -39.51 33.05 15.55
CA ASP D 227 -39.67 34.06 16.59
C ASP D 227 -40.22 33.46 17.88
N ASP D 228 -41.17 32.51 17.77
CA ASP D 228 -41.84 31.96 18.94
C ASP D 228 -41.86 30.44 18.95
N ASN D 229 -41.03 29.80 18.13
CA ASN D 229 -41.00 28.33 18.08
C ASN D 229 -39.69 27.88 17.45
N VAL D 230 -39.38 26.60 17.65
CA VAL D 230 -38.22 25.97 17.05
C VAL D 230 -38.67 24.66 16.43
N TRP D 231 -38.30 24.44 15.16
CA TRP D 231 -38.60 23.21 14.44
C TRP D 231 -37.31 22.44 14.25
N PHE D 232 -37.18 21.31 14.93
CA PHE D 232 -36.04 20.42 14.73
C PHE D 232 -36.28 19.55 13.52
N PHE D 233 -35.22 19.31 12.75
CA PHE D 233 -35.34 18.49 11.55
C PHE D 233 -34.14 17.56 11.42
N ALA D 234 -34.40 16.36 10.93
CA ALA D 234 -33.35 15.40 10.60
C ALA D 234 -33.81 14.63 9.37
N MET D 235 -32.99 14.67 8.32
CA MET D 235 -33.32 14.00 7.07
C MET D 235 -32.14 13.18 6.58
N ASN D 236 -32.45 12.09 5.90
CA ASN D 236 -31.46 11.35 5.12
C ASN D 236 -32.15 10.83 3.87
N MET D 237 -31.35 10.64 2.81
CA MET D 237 -31.86 10.23 1.52
C MET D 237 -30.79 9.42 0.80
N ASP D 238 -31.23 8.50 -0.05
CA ASP D 238 -30.29 7.73 -0.86
C ASP D 238 -29.51 8.66 -1.78
N MET D 239 -28.19 8.51 -1.79
CA MET D 239 -27.31 9.39 -2.54
C MET D 239 -26.30 8.55 -3.32
N PRO D 240 -26.75 7.89 -4.40
CA PRO D 240 -25.81 7.08 -5.20
C PRO D 240 -24.75 7.92 -5.89
N THR D 241 -25.08 9.15 -6.27
CA THR D 241 -24.14 10.06 -6.89
C THR D 241 -24.07 11.35 -6.09
N SER D 242 -22.90 11.99 -6.13
CA SER D 242 -22.73 13.26 -5.44
C SER D 242 -23.42 14.42 -6.15
N ASP D 243 -23.98 14.19 -7.34
CA ASP D 243 -24.66 15.25 -8.08
C ASP D 243 -25.96 15.69 -7.42
N GLY D 244 -26.58 14.81 -6.63
CA GLY D 244 -27.84 15.15 -6.00
C GLY D 244 -27.70 15.61 -4.56
N LEU D 245 -26.49 16.03 -4.18
CA LEU D 245 -26.25 16.46 -2.80
C LEU D 245 -27.07 17.69 -2.45
N GLY D 246 -27.28 18.59 -3.41
CA GLY D 246 -28.08 19.77 -3.16
C GLY D 246 -29.53 19.48 -2.84
N LEU D 247 -30.00 18.26 -3.16
CA LEU D 247 -31.36 17.88 -2.84
C LEU D 247 -31.58 17.70 -1.34
N ARG D 248 -30.51 17.56 -0.56
CA ARG D 248 -30.65 17.43 0.89
C ARG D 248 -31.33 18.67 1.47
N GLN D 249 -30.84 19.86 1.12
CA GLN D 249 -31.45 21.09 1.61
C GLN D 249 -32.72 21.44 0.82
N ALA D 250 -32.72 21.18 -0.49
CA ALA D 250 -33.86 21.56 -1.32
C ALA D 250 -35.12 20.80 -0.91
N ILE D 251 -35.00 19.48 -0.71
CA ILE D 251 -36.16 18.69 -0.32
C ILE D 251 -36.62 19.07 1.08
N THR D 252 -35.67 19.26 2.01
CA THR D 252 -36.03 19.67 3.36
C THR D 252 -36.76 21.00 3.36
N LYS D 253 -36.28 21.96 2.56
CA LYS D 253 -36.92 23.27 2.49
C LYS D 253 -38.29 23.18 1.83
N GLU D 254 -38.45 22.29 0.85
CA GLU D 254 -39.76 22.10 0.22
C GLU D 254 -40.78 21.61 1.25
N VAL D 255 -40.35 20.74 2.16
CA VAL D 255 -41.26 20.27 3.21
C VAL D 255 -41.56 21.40 4.19
N LEU D 256 -40.53 22.18 4.56
CA LEU D 256 -40.74 23.28 5.51
C LEU D 256 -41.68 24.33 4.93
N LYS D 257 -41.60 24.58 3.62
CA LYS D 257 -42.51 25.55 3.00
C LYS D 257 -43.92 24.98 2.87
N GLN D 258 -44.05 23.68 2.62
CA GLN D 258 -45.37 23.07 2.54
C GLN D 258 -46.08 23.14 3.89
N GLU D 259 -45.33 23.01 4.98
CA GLU D 259 -45.88 23.08 6.33
C GLU D 259 -45.91 24.50 6.88
N LYS D 260 -45.71 25.51 6.03
CA LYS D 260 -45.76 26.92 6.41
C LYS D 260 -44.75 27.28 7.50
N ILE D 261 -43.71 26.47 7.68
CA ILE D 261 -42.70 26.78 8.69
C ILE D 261 -41.81 27.93 8.23
N ILE D 262 -41.43 27.92 6.97
CA ILE D 262 -40.67 29.02 6.37
C ILE D 262 -41.44 29.52 5.15
N PRO D 263 -41.32 30.80 4.78
CA PRO D 263 -42.04 31.33 3.61
C PRO D 263 -41.52 30.76 2.30
S1 CEF E . 11.94 -37.54 -18.68
C1 CEF E . 11.46 -35.88 -19.13
C2 CEF E . 10.01 -36.04 -19.43
C3 CEF E . 9.55 -35.83 -20.64
C4 CEF E . 9.13 -36.50 -18.42
C5 CEF E . 7.71 -36.08 -18.45
O1 CEF E . 7.37 -35.09 -19.08
O2 CEF E . 6.91 -36.76 -17.90
N1 CEF E . 9.51 -37.31 -17.52
C6 CEF E . 10.89 -37.59 -17.20
C7 CEF E . 10.90 -39.00 -16.61
C8 CEF E . 9.82 -39.14 -15.57
O3 CEF E . 8.73 -39.49 -15.88
N2 CEF E . 10.79 -39.96 -17.69
C9 CEF E . 11.75 -40.77 -18.07
O4 CEF E . 12.83 -40.77 -17.59
C10 CEF E . 11.49 -41.74 -19.18
N3 CEF E . 11.15 -42.94 -18.99
O5 CEF E . 11.02 -43.35 -17.68
C11 CEF E . 10.44 -44.63 -17.63
C12 CEF E . 11.67 -41.36 -20.56
C13 CEF E . 12.06 -40.09 -20.97
S2 CEF E . 12.13 -40.11 -22.61
C14 CEF E . 11.70 -41.73 -22.78
N4 CEF E . 11.61 -42.22 -24.03
N5 CEF E . 11.47 -42.24 -21.57
CL CL F . 3.47 -21.06 -4.64
CL CL G . 12.13 -39.48 -11.37
C ACT H . 23.71 -35.74 -10.50
O ACT H . 23.02 -35.25 -9.56
OXT ACT H . 23.96 -35.26 -11.64
CH3 ACT H . 24.35 -37.15 -10.22
S1 CEF I . -9.00 -1.29 -3.77
C1 CEF I . -9.07 -2.59 -4.95
C2 CEF I . -7.98 -2.29 -5.90
C3 CEF I . -8.22 -2.12 -7.17
C4 CEF I . -6.64 -2.15 -5.43
C5 CEF I . -5.47 -2.36 -6.37
O1 CEF I . -5.60 -2.93 -7.41
O2 CEF I . -4.39 -1.94 -6.08
N1 CEF I . -6.43 -1.81 -4.25
C6 CEF I . -7.39 -1.81 -3.18
C7 CEF I . -6.84 -0.83 -2.16
C8 CEF I . -5.37 -1.08 -1.90
O3 CEF I . -4.54 -0.42 -2.46
N2 CEF I . -7.06 0.54 -2.59
C9 CEF I . -7.96 1.30 -2.02
O4 CEF I . -8.72 0.86 -1.20
C10 CEF I . -8.12 2.74 -2.39
N3 CEF I . -7.50 3.70 -1.79
O5 CEF I . -6.61 3.27 -0.80
C11 CEF I . -6.04 4.37 -0.10
C12 CEF I . -9.13 3.06 -3.43
C13 CEF I . -9.75 2.14 -4.24
S2 CEF I . -10.83 2.92 -5.26
C14 CEF I . -10.48 4.45 -4.60
N4 CEF I . -11.12 5.54 -5.09
N5 CEF I . -9.56 4.31 -3.63
CL CL J . -5.01 -2.41 2.28
S1 CEF K . 14.11 32.74 10.03
C1 CEF K . 15.75 33.22 10.55
C2 CEF K . 16.44 31.91 10.76
C3 CEF K . 16.89 31.60 11.92
C4 CEF K . 16.55 30.97 9.70
C5 CEF K . 17.70 30.00 9.74
O1 CEF K . 18.79 30.34 10.14
O2 CEF K . 17.51 28.86 9.40
N1 CEF K . 15.70 30.90 8.76
C6 CEF K . 14.63 31.85 8.53
C7 CEF K . 13.44 31.09 7.94
C8 CEF K . 13.91 30.08 6.94
O3 CEF K . 14.15 28.96 7.27
N2 CEF K . 12.67 30.46 9.01
C9 CEF K . 11.55 30.98 9.49
O4 CEF K . 11.11 32.03 9.11
C10 CEF K . 10.80 30.25 10.54
N3 CEF K . 9.92 29.39 10.29
O5 CEF K . 9.67 29.12 8.95
C11 CEF K . 9.05 27.87 8.91
C12 CEF K . 11.00 30.54 11.97
C13 CEF K . 11.89 31.48 12.43
S2 CEF K . 11.77 31.48 14.08
C14 CEF K . 10.56 30.28 14.17
N4 CEF K . 10.14 29.91 15.39
N5 CEF K . 10.27 29.90 12.93
CL CL L . 12.41 31.92 2.82
C ACT M . 9.86 43.78 2.12
O ACT M . 10.04 44.23 3.29
OXT ACT M . 10.69 43.69 1.17
CH3 ACT M . 8.43 43.26 1.79
S1 CEF N . -17.02 15.53 2.43
C1 CEF N . -17.58 17.12 1.95
C2 CEF N . -19.05 16.99 1.79
C3 CEF N . -19.63 17.22 0.64
C4 CEF N . -19.83 16.56 2.90
C5 CEF N . -21.26 16.95 3.02
O1 CEF N . -21.95 16.47 3.86
O2 CEF N . -21.73 17.76 2.25
N1 CEF N . -19.32 15.85 3.79
C6 CEF N . -17.93 15.61 4.00
C7 CEF N . -17.85 14.29 4.76
C8 CEF N . -18.85 14.24 5.88
O3 CEF N . -19.94 13.79 5.66
N2 CEF N . -18.00 13.16 3.89
C9 CEF N . -17.01 12.40 3.48
O4 CEF N . -15.86 12.60 3.76
C10 CEF N . -17.27 11.23 2.59
N3 CEF N . -17.52 10.06 3.09
O5 CEF N . -17.58 9.97 4.46
C11 CEF N . -17.92 8.65 4.86
C12 CEF N . -17.13 11.44 1.13
C13 CEF N . -16.96 12.67 0.51
S2 CEF N . -16.79 12.46 -1.15
C14 CEF N . -16.91 10.76 -1.01
N4 CEF N . -16.81 9.97 -2.12
N5 CEF N . -17.07 10.42 0.27
CL CL O . -25.01 32.77 16.07
CL CL P . -16.29 14.08 9.77
C ACT Q . -4.91 18.98 8.44
O ACT Q . -4.67 19.39 7.28
OXT ACT Q . -5.32 19.63 9.46
CH3 ACT Q . -4.70 17.45 8.69
#